data_1XIA
# 
_entry.id   1XIA 
# 
_audit_conform.dict_name       mmcif_pdbx.dic 
_audit_conform.dict_version    5.386 
_audit_conform.dict_location   http://mmcif.pdb.org/dictionaries/ascii/mmcif_pdbx.dic 
# 
loop_
_database_2.database_id 
_database_2.database_code 
_database_2.pdbx_database_accession 
_database_2.pdbx_DOI 
PDB   1XIA         pdb_00001xia 10.2210/pdb1xia/pdb 
WWPDB D_1000177264 ?            ?                   
# 
loop_
_pdbx_audit_revision_history.ordinal 
_pdbx_audit_revision_history.data_content_type 
_pdbx_audit_revision_history.major_revision 
_pdbx_audit_revision_history.minor_revision 
_pdbx_audit_revision_history.revision_date 
1 'Structure model' 1 0 1988-04-16 
2 'Structure model' 1 1 2008-03-24 
3 'Structure model' 1 2 2011-07-13 
4 'Structure model' 1 3 2024-02-14 
# 
_pdbx_audit_revision_details.ordinal             1 
_pdbx_audit_revision_details.revision_ordinal    1 
_pdbx_audit_revision_details.data_content_type   'Structure model' 
_pdbx_audit_revision_details.provider            repository 
_pdbx_audit_revision_details.type                'Initial release' 
_pdbx_audit_revision_details.description         ? 
_pdbx_audit_revision_details.details             ? 
# 
loop_
_pdbx_audit_revision_group.ordinal 
_pdbx_audit_revision_group.revision_ordinal 
_pdbx_audit_revision_group.data_content_type 
_pdbx_audit_revision_group.group 
1 2 'Structure model' 'Version format compliance' 
2 3 'Structure model' 'Source and taxonomy'       
3 3 'Structure model' 'Version format compliance' 
4 4 'Structure model' 'Database references'       
5 4 'Structure model' Other                       
# 
loop_
_pdbx_audit_revision_category.ordinal 
_pdbx_audit_revision_category.revision_ordinal 
_pdbx_audit_revision_category.data_content_type 
_pdbx_audit_revision_category.category 
1 4 'Structure model' database_2           
2 4 'Structure model' pdbx_database_status 
# 
loop_
_pdbx_audit_revision_item.ordinal 
_pdbx_audit_revision_item.revision_ordinal 
_pdbx_audit_revision_item.data_content_type 
_pdbx_audit_revision_item.item 
1 4 'Structure model' '_database_2.pdbx_DOI'                
2 4 'Structure model' '_database_2.pdbx_database_accession' 
3 4 'Structure model' '_pdbx_database_status.process_site'  
# 
_pdbx_database_status.status_code                     REL 
_pdbx_database_status.entry_id                        1XIA 
_pdbx_database_status.recvd_initial_deposition_date   1988-02-24 
_pdbx_database_status.deposit_site                    ? 
_pdbx_database_status.process_site                    BNL 
_pdbx_database_status.SG_entry                        . 
_pdbx_database_status.pdb_format_compatible           Y 
_pdbx_database_status.status_code_mr                  ? 
_pdbx_database_status.status_code_sf                  ? 
_pdbx_database_status.status_code_cs                  ? 
_pdbx_database_status.status_code_nmr_data            ? 
_pdbx_database_status.methods_development_category    ? 
# 
_audit_author.name           'Blow, D.M.' 
_audit_author.pdbx_ordinal   1 
# 
loop_
_citation.id 
_citation.title 
_citation.journal_abbrev 
_citation.journal_volume 
_citation.page_first 
_citation.page_last 
_citation.year 
_citation.journal_id_ASTM 
_citation.country 
_citation.journal_id_ISSN 
_citation.journal_id_CSD 
_citation.book_publisher 
_citation.pdbx_database_id_PubMed 
_citation.pdbx_database_id_DOI 
primary 'Comparison of backbone structures of glucose isomerase from Streptomyces and Arthrobacter.' 'Protein Eng.'       1   467 
469 1987 PRENE9 UK 0269-2139 0859 ? 3508294 10.1093/protein/1.6.467 
1       'The Crystallization of Glucose Isomerase from Arthrobacter B3728'                           Biochim.Biophys.Acta 874 375 
?   1986 BBACAQ NE 0006-3002 0113 ? ?       ?                       
# 
loop_
_citation_author.citation_id 
_citation_author.name 
_citation_author.ordinal 
_citation_author.identifier_ORCID 
primary 'Henrick, K.'   1  ? 
primary 'Blow, D.M.'    2  ? 
primary 'Carrell, H.L.' 3  ? 
primary 'Glusker, J.P.' 4  ? 
1       'Akins, J.'     5  ? 
1       'Brick, P.'     6  ? 
1       'Jones, H.B.'   7  ? 
1       'Hirayama, N.'  8  ? 
1       'Shaw, P.-C.'   9  ? 
1       'Blow, D.M.'    10 ? 
# 
_entity.id                         1 
_entity.type                       polymer 
_entity.src_method                 man 
_entity.pdbx_description           'D-XYLOSE ISOMERASE' 
_entity.formula_weight             33464.164 
_entity.pdbx_number_of_molecules   2 
_entity.pdbx_ec                    5.3.1.5 
_entity.pdbx_mutation              ? 
_entity.pdbx_fragment              ? 
_entity.details                    ? 
# 
_entity_poly.entity_id                      1 
_entity_poly.type                           'polypeptide(L)' 
_entity_poly.nstd_linkage                   no 
_entity_poly.nstd_monomer                   no 
_entity_poly.pdbx_seq_one_letter_code       
;(UNK)(UNK)(UNK)(UNK)(UNK)(UNK)(UNK)(UNK)(UNK)(UNK)(UNK)(UNK)(UNK)(UNK)(UNK)(UNK)
(UNK)(UNK)(UNK)(UNK)(UNK)(UNK)(UNK)(UNK)(UNK)(UNK)(UNK)(UNK)(UNK)(UNK)(UNK)(UNK)
(UNK)(UNK)(UNK)(UNK)(UNK)(UNK)(UNK)(UNK)(UNK)(UNK)(UNK)(UNK)(UNK)(UNK)(UNK)(UNK)
(UNK)(UNK)(UNK)(UNK)(UNK)(UNK)(UNK)(UNK)(UNK)(UNK)(UNK)(UNK)(UNK)(UNK)(UNK)(UNK)
(UNK)(UNK)(UNK)(UNK)(UNK)(UNK)(UNK)(UNK)(UNK)(UNK)(UNK)(UNK)(UNK)(UNK)(UNK)(UNK)
(UNK)(UNK)(UNK)(UNK)(UNK)(UNK)(UNK)(UNK)(UNK)(UNK)(UNK)(UNK)(UNK)(UNK)(UNK)(UNK)
(UNK)(UNK)(UNK)(UNK)(UNK)(UNK)(UNK)(UNK)(UNK)(UNK)(UNK)(UNK)(UNK)(UNK)(UNK)(UNK)
(UNK)(UNK)(UNK)(UNK)(UNK)(UNK)(UNK)(UNK)(UNK)(UNK)(UNK)(UNK)(UNK)(UNK)(UNK)(UNK)
(UNK)(UNK)(UNK)(UNK)(UNK)(UNK)(UNK)(UNK)(UNK)(UNK)(UNK)(UNK)(UNK)(UNK)(UNK)(UNK)
(UNK)(UNK)(UNK)(UNK)(UNK)(UNK)(UNK)(UNK)(UNK)(UNK)(UNK)(UNK)(UNK)(UNK)(UNK)(UNK)
(UNK)(UNK)(UNK)(UNK)(UNK)(UNK)(UNK)(UNK)(UNK)(UNK)(UNK)(UNK)(UNK)(UNK)(UNK)(UNK)
(UNK)(UNK)(UNK)(UNK)(UNK)(UNK)(UNK)(UNK)(UNK)(UNK)(UNK)(UNK)(UNK)(UNK)(UNK)(UNK)
(UNK)(UNK)(UNK)(UNK)(UNK)(UNK)(UNK)(UNK)(UNK)(UNK)(UNK)(UNK)(UNK)(UNK)(UNK)(UNK)
(UNK)(UNK)(UNK)(UNK)(UNK)(UNK)(UNK)(UNK)(UNK)(UNK)(UNK)(UNK)(UNK)(UNK)(UNK)(UNK)
(UNK)(UNK)(UNK)(UNK)(UNK)(UNK)(UNK)(UNK)(UNK)(UNK)(UNK)(UNK)(UNK)(UNK)(UNK)(UNK)
(UNK)(UNK)(UNK)(UNK)(UNK)(UNK)(UNK)(UNK)(UNK)(UNK)(UNK)(UNK)(UNK)(UNK)(UNK)(UNK)
(UNK)(UNK)(UNK)(UNK)(UNK)(UNK)(UNK)(UNK)(UNK)(UNK)(UNK)(UNK)(UNK)(UNK)(UNK)(UNK)
(UNK)(UNK)(UNK)(UNK)(UNK)(UNK)(UNK)(UNK)(UNK)(UNK)(UNK)(UNK)(UNK)(UNK)(UNK)(UNK)
(UNK)(UNK)(UNK)(UNK)(UNK)(UNK)(UNK)(UNK)(UNK)(UNK)(UNK)(UNK)(UNK)(UNK)(UNK)(UNK)
(UNK)(UNK)(UNK)(UNK)(UNK)(UNK)(UNK)(UNK)(UNK)(UNK)(UNK)(UNK)(UNK)(UNK)(UNK)(UNK)
(UNK)(UNK)(UNK)(UNK)(UNK)(UNK)(UNK)(UNK)(UNK)(UNK)(UNK)(UNK)(UNK)(UNK)(UNK)(UNK)
(UNK)(UNK)(UNK)(UNK)(UNK)(UNK)(UNK)(UNK)(UNK)(UNK)(UNK)(UNK)(UNK)(UNK)(UNK)(UNK)
(UNK)(UNK)(UNK)(UNK)(UNK)(UNK)(UNK)(UNK)(UNK)(UNK)(UNK)(UNK)(UNK)(UNK)(UNK)(UNK)
(UNK)(UNK)(UNK)(UNK)(UNK)(UNK)(UNK)(UNK)(UNK)(UNK)(UNK)(UNK)(UNK)(UNK)(UNK)(UNK)
(UNK)(UNK)(UNK)(UNK)(UNK)(UNK)(UNK)(UNK)(UNK)
;
_entity_poly.pdbx_seq_one_letter_code_can   
;XXXXXXXXXXXXXXXXXXXXXXXXXXXXXXXXXXXXXXXXXXXXXXXXXXXXXXXXXXXXXXXXXXXXXXXXXXXXXXXX
XXXXXXXXXXXXXXXXXXXXXXXXXXXXXXXXXXXXXXXXXXXXXXXXXXXXXXXXXXXXXXXXXXXXXXXXXXXXXXXX
XXXXXXXXXXXXXXXXXXXXXXXXXXXXXXXXXXXXXXXXXXXXXXXXXXXXXXXXXXXXXXXXXXXXXXXXXXXXXXXX
XXXXXXXXXXXXXXXXXXXXXXXXXXXXXXXXXXXXXXXXXXXXXXXXXXXXXXXXXXXXXXXXXXXXXXXXXXXXXXXX
XXXXXXXXXXXXXXXXXXXXXXXXXXXXXXXXXXXXXXXXXXXXXXXXXXXXXXXXXXXXXXXXXXXXXXXXX
;
_entity_poly.pdbx_strand_id                 A,B 
_entity_poly.pdbx_target_identifier         ? 
# 
loop_
_entity_poly_seq.entity_id 
_entity_poly_seq.num 
_entity_poly_seq.mon_id 
_entity_poly_seq.hetero 
1 1   UNK n 
1 2   UNK n 
1 3   UNK n 
1 4   UNK n 
1 5   UNK n 
1 6   UNK n 
1 7   UNK n 
1 8   UNK n 
1 9   UNK n 
1 10  UNK n 
1 11  UNK n 
1 12  UNK n 
1 13  UNK n 
1 14  UNK n 
1 15  UNK n 
1 16  UNK n 
1 17  UNK n 
1 18  UNK n 
1 19  UNK n 
1 20  UNK n 
1 21  UNK n 
1 22  UNK n 
1 23  UNK n 
1 24  UNK n 
1 25  UNK n 
1 26  UNK n 
1 27  UNK n 
1 28  UNK n 
1 29  UNK n 
1 30  UNK n 
1 31  UNK n 
1 32  UNK n 
1 33  UNK n 
1 34  UNK n 
1 35  UNK n 
1 36  UNK n 
1 37  UNK n 
1 38  UNK n 
1 39  UNK n 
1 40  UNK n 
1 41  UNK n 
1 42  UNK n 
1 43  UNK n 
1 44  UNK n 
1 45  UNK n 
1 46  UNK n 
1 47  UNK n 
1 48  UNK n 
1 49  UNK n 
1 50  UNK n 
1 51  UNK n 
1 52  UNK n 
1 53  UNK n 
1 54  UNK n 
1 55  UNK n 
1 56  UNK n 
1 57  UNK n 
1 58  UNK n 
1 59  UNK n 
1 60  UNK n 
1 61  UNK n 
1 62  UNK n 
1 63  UNK n 
1 64  UNK n 
1 65  UNK n 
1 66  UNK n 
1 67  UNK n 
1 68  UNK n 
1 69  UNK n 
1 70  UNK n 
1 71  UNK n 
1 72  UNK n 
1 73  UNK n 
1 74  UNK n 
1 75  UNK n 
1 76  UNK n 
1 77  UNK n 
1 78  UNK n 
1 79  UNK n 
1 80  UNK n 
1 81  UNK n 
1 82  UNK n 
1 83  UNK n 
1 84  UNK n 
1 85  UNK n 
1 86  UNK n 
1 87  UNK n 
1 88  UNK n 
1 89  UNK n 
1 90  UNK n 
1 91  UNK n 
1 92  UNK n 
1 93  UNK n 
1 94  UNK n 
1 95  UNK n 
1 96  UNK n 
1 97  UNK n 
1 98  UNK n 
1 99  UNK n 
1 100 UNK n 
1 101 UNK n 
1 102 UNK n 
1 103 UNK n 
1 104 UNK n 
1 105 UNK n 
1 106 UNK n 
1 107 UNK n 
1 108 UNK n 
1 109 UNK n 
1 110 UNK n 
1 111 UNK n 
1 112 UNK n 
1 113 UNK n 
1 114 UNK n 
1 115 UNK n 
1 116 UNK n 
1 117 UNK n 
1 118 UNK n 
1 119 UNK n 
1 120 UNK n 
1 121 UNK n 
1 122 UNK n 
1 123 UNK n 
1 124 UNK n 
1 125 UNK n 
1 126 UNK n 
1 127 UNK n 
1 128 UNK n 
1 129 UNK n 
1 130 UNK n 
1 131 UNK n 
1 132 UNK n 
1 133 UNK n 
1 134 UNK n 
1 135 UNK n 
1 136 UNK n 
1 137 UNK n 
1 138 UNK n 
1 139 UNK n 
1 140 UNK n 
1 141 UNK n 
1 142 UNK n 
1 143 UNK n 
1 144 UNK n 
1 145 UNK n 
1 146 UNK n 
1 147 UNK n 
1 148 UNK n 
1 149 UNK n 
1 150 UNK n 
1 151 UNK n 
1 152 UNK n 
1 153 UNK n 
1 154 UNK n 
1 155 UNK n 
1 156 UNK n 
1 157 UNK n 
1 158 UNK n 
1 159 UNK n 
1 160 UNK n 
1 161 UNK n 
1 162 UNK n 
1 163 UNK n 
1 164 UNK n 
1 165 UNK n 
1 166 UNK n 
1 167 UNK n 
1 168 UNK n 
1 169 UNK n 
1 170 UNK n 
1 171 UNK n 
1 172 UNK n 
1 173 UNK n 
1 174 UNK n 
1 175 UNK n 
1 176 UNK n 
1 177 UNK n 
1 178 UNK n 
1 179 UNK n 
1 180 UNK n 
1 181 UNK n 
1 182 UNK n 
1 183 UNK n 
1 184 UNK n 
1 185 UNK n 
1 186 UNK n 
1 187 UNK n 
1 188 UNK n 
1 189 UNK n 
1 190 UNK n 
1 191 UNK n 
1 192 UNK n 
1 193 UNK n 
1 194 UNK n 
1 195 UNK n 
1 196 UNK n 
1 197 UNK n 
1 198 UNK n 
1 199 UNK n 
1 200 UNK n 
1 201 UNK n 
1 202 UNK n 
1 203 UNK n 
1 204 UNK n 
1 205 UNK n 
1 206 UNK n 
1 207 UNK n 
1 208 UNK n 
1 209 UNK n 
1 210 UNK n 
1 211 UNK n 
1 212 UNK n 
1 213 UNK n 
1 214 UNK n 
1 215 UNK n 
1 216 UNK n 
1 217 UNK n 
1 218 UNK n 
1 219 UNK n 
1 220 UNK n 
1 221 UNK n 
1 222 UNK n 
1 223 UNK n 
1 224 UNK n 
1 225 UNK n 
1 226 UNK n 
1 227 UNK n 
1 228 UNK n 
1 229 UNK n 
1 230 UNK n 
1 231 UNK n 
1 232 UNK n 
1 233 UNK n 
1 234 UNK n 
1 235 UNK n 
1 236 UNK n 
1 237 UNK n 
1 238 UNK n 
1 239 UNK n 
1 240 UNK n 
1 241 UNK n 
1 242 UNK n 
1 243 UNK n 
1 244 UNK n 
1 245 UNK n 
1 246 UNK n 
1 247 UNK n 
1 248 UNK n 
1 249 UNK n 
1 250 UNK n 
1 251 UNK n 
1 252 UNK n 
1 253 UNK n 
1 254 UNK n 
1 255 UNK n 
1 256 UNK n 
1 257 UNK n 
1 258 UNK n 
1 259 UNK n 
1 260 UNK n 
1 261 UNK n 
1 262 UNK n 
1 263 UNK n 
1 264 UNK n 
1 265 UNK n 
1 266 UNK n 
1 267 UNK n 
1 268 UNK n 
1 269 UNK n 
1 270 UNK n 
1 271 UNK n 
1 272 UNK n 
1 273 UNK n 
1 274 UNK n 
1 275 UNK n 
1 276 UNK n 
1 277 UNK n 
1 278 UNK n 
1 279 UNK n 
1 280 UNK n 
1 281 UNK n 
1 282 UNK n 
1 283 UNK n 
1 284 UNK n 
1 285 UNK n 
1 286 UNK n 
1 287 UNK n 
1 288 UNK n 
1 289 UNK n 
1 290 UNK n 
1 291 UNK n 
1 292 UNK n 
1 293 UNK n 
1 294 UNK n 
1 295 UNK n 
1 296 UNK n 
1 297 UNK n 
1 298 UNK n 
1 299 UNK n 
1 300 UNK n 
1 301 UNK n 
1 302 UNK n 
1 303 UNK n 
1 304 UNK n 
1 305 UNK n 
1 306 UNK n 
1 307 UNK n 
1 308 UNK n 
1 309 UNK n 
1 310 UNK n 
1 311 UNK n 
1 312 UNK n 
1 313 UNK n 
1 314 UNK n 
1 315 UNK n 
1 316 UNK n 
1 317 UNK n 
1 318 UNK n 
1 319 UNK n 
1 320 UNK n 
1 321 UNK n 
1 322 UNK n 
1 323 UNK n 
1 324 UNK n 
1 325 UNK n 
1 326 UNK n 
1 327 UNK n 
1 328 UNK n 
1 329 UNK n 
1 330 UNK n 
1 331 UNK n 
1 332 UNK n 
1 333 UNK n 
1 334 UNK n 
1 335 UNK n 
1 336 UNK n 
1 337 UNK n 
1 338 UNK n 
1 339 UNK n 
1 340 UNK n 
1 341 UNK n 
1 342 UNK n 
1 343 UNK n 
1 344 UNK n 
1 345 UNK n 
1 346 UNK n 
1 347 UNK n 
1 348 UNK n 
1 349 UNK n 
1 350 UNK n 
1 351 UNK n 
1 352 UNK n 
1 353 UNK n 
1 354 UNK n 
1 355 UNK n 
1 356 UNK n 
1 357 UNK n 
1 358 UNK n 
1 359 UNK n 
1 360 UNK n 
1 361 UNK n 
1 362 UNK n 
1 363 UNK n 
1 364 UNK n 
1 365 UNK n 
1 366 UNK n 
1 367 UNK n 
1 368 UNK n 
1 369 UNK n 
1 370 UNK n 
1 371 UNK n 
1 372 UNK n 
1 373 UNK n 
1 374 UNK n 
1 375 UNK n 
1 376 UNK n 
1 377 UNK n 
1 378 UNK n 
1 379 UNK n 
1 380 UNK n 
1 381 UNK n 
1 382 UNK n 
1 383 UNK n 
1 384 UNK n 
1 385 UNK n 
1 386 UNK n 
1 387 UNK n 
1 388 UNK n 
1 389 UNK n 
1 390 UNK n 
1 391 UNK n 
1 392 UNK n 
1 393 UNK n 
# 
_entity_src_gen.entity_id                          1 
_entity_src_gen.pdbx_src_id                        1 
_entity_src_gen.pdbx_alt_source_flag               sample 
_entity_src_gen.pdbx_seq_type                      ? 
_entity_src_gen.pdbx_beg_seq_num                   ? 
_entity_src_gen.pdbx_end_seq_num                   ? 
_entity_src_gen.gene_src_common_name               ? 
_entity_src_gen.gene_src_genus                     ? 
_entity_src_gen.pdbx_gene_src_gene                 ? 
_entity_src_gen.gene_src_species                   ? 
_entity_src_gen.gene_src_strain                    B3728 
_entity_src_gen.gene_src_tissue                    ? 
_entity_src_gen.gene_src_tissue_fraction           ? 
_entity_src_gen.gene_src_details                   ? 
_entity_src_gen.pdbx_gene_src_fragment             ? 
_entity_src_gen.pdbx_gene_src_scientific_name      'Arthrobacter sp. NRRL' 
_entity_src_gen.pdbx_gene_src_ncbi_taxonomy_id     1669 
_entity_src_gen.pdbx_gene_src_variant              ? 
_entity_src_gen.pdbx_gene_src_cell_line            ? 
_entity_src_gen.pdbx_gene_src_atcc                 ? 
_entity_src_gen.pdbx_gene_src_organ                ? 
_entity_src_gen.pdbx_gene_src_organelle            ? 
_entity_src_gen.pdbx_gene_src_cell                 ? 
_entity_src_gen.pdbx_gene_src_cellular_location    ? 
_entity_src_gen.host_org_common_name               ? 
_entity_src_gen.pdbx_host_org_scientific_name      ? 
_entity_src_gen.pdbx_host_org_ncbi_taxonomy_id     ? 
_entity_src_gen.host_org_genus                     ? 
_entity_src_gen.pdbx_host_org_gene                 ? 
_entity_src_gen.pdbx_host_org_organ                ? 
_entity_src_gen.host_org_species                   ? 
_entity_src_gen.pdbx_host_org_tissue               ? 
_entity_src_gen.pdbx_host_org_tissue_fraction      ? 
_entity_src_gen.pdbx_host_org_strain               ? 
_entity_src_gen.pdbx_host_org_variant              ? 
_entity_src_gen.pdbx_host_org_cell_line            ? 
_entity_src_gen.pdbx_host_org_atcc                 ? 
_entity_src_gen.pdbx_host_org_culture_collection   ? 
_entity_src_gen.pdbx_host_org_cell                 ? 
_entity_src_gen.pdbx_host_org_organelle            ? 
_entity_src_gen.pdbx_host_org_cellular_location    ? 
_entity_src_gen.pdbx_host_org_vector_type          ? 
_entity_src_gen.pdbx_host_org_vector               ? 
_entity_src_gen.host_org_details                   ? 
_entity_src_gen.expression_system_id               ? 
_entity_src_gen.plasmid_name                       ? 
_entity_src_gen.plasmid_details                    ? 
_entity_src_gen.pdbx_description                   ? 
# 
_chem_comp.id               UNK 
_chem_comp.type             'L-peptide linking' 
_chem_comp.mon_nstd_flag    . 
_chem_comp.name             UNKNOWN 
_chem_comp.pdbx_synonyms    ? 
_chem_comp.formula          'C4 H9 N O2' 
_chem_comp.formula_weight   103.120 
# 
loop_
_pdbx_poly_seq_scheme.asym_id 
_pdbx_poly_seq_scheme.entity_id 
_pdbx_poly_seq_scheme.seq_id 
_pdbx_poly_seq_scheme.mon_id 
_pdbx_poly_seq_scheme.ndb_seq_num 
_pdbx_poly_seq_scheme.pdb_seq_num 
_pdbx_poly_seq_scheme.auth_seq_num 
_pdbx_poly_seq_scheme.pdb_mon_id 
_pdbx_poly_seq_scheme.auth_mon_id 
_pdbx_poly_seq_scheme.pdb_strand_id 
_pdbx_poly_seq_scheme.pdb_ins_code 
_pdbx_poly_seq_scheme.hetero 
A 1 1   UNK 1   2   2   UNK UNK A . n 
A 1 2   UNK 2   3   3   UNK UNK A . n 
A 1 3   UNK 3   4   4   UNK UNK A . n 
A 1 4   UNK 4   5   5   UNK UNK A . n 
A 1 5   UNK 5   6   6   UNK UNK A . n 
A 1 6   UNK 6   7   7   UNK UNK A . n 
A 1 7   UNK 7   8   8   UNK UNK A . n 
A 1 8   UNK 8   9   9   UNK UNK A . n 
A 1 9   UNK 9   10  10  UNK UNK A . n 
A 1 10  UNK 10  11  11  UNK UNK A . n 
A 1 11  UNK 11  12  12  UNK UNK A . n 
A 1 12  UNK 12  13  13  UNK UNK A . n 
A 1 13  UNK 13  14  14  UNK UNK A . n 
A 1 14  UNK 14  15  15  UNK UNK A . n 
A 1 15  UNK 15  16  16  UNK UNK A . n 
A 1 16  UNK 16  17  17  UNK UNK A . n 
A 1 17  UNK 17  18  18  UNK UNK A . n 
A 1 18  UNK 18  19  19  UNK UNK A . n 
A 1 19  UNK 19  20  20  UNK UNK A . n 
A 1 20  UNK 20  21  21  UNK UNK A . n 
A 1 21  UNK 21  22  22  UNK UNK A . n 
A 1 22  UNK 22  23  23  UNK UNK A . n 
A 1 23  UNK 23  24  24  UNK UNK A . n 
A 1 24  UNK 24  25  25  UNK UNK A . n 
A 1 25  UNK 25  26  26  UNK UNK A . n 
A 1 26  UNK 26  27  27  UNK UNK A . n 
A 1 27  UNK 27  28  28  UNK UNK A . n 
A 1 28  UNK 28  29  29  UNK UNK A . n 
A 1 29  UNK 29  30  30  UNK UNK A . n 
A 1 30  UNK 30  31  31  UNK UNK A . n 
A 1 31  UNK 31  32  32  UNK UNK A . n 
A 1 32  UNK 32  33  33  UNK UNK A . n 
A 1 33  UNK 33  34  34  UNK UNK A . n 
A 1 34  UNK 34  35  35  UNK UNK A . n 
A 1 35  UNK 35  36  36  UNK UNK A . n 
A 1 36  UNK 36  37  37  UNK UNK A . n 
A 1 37  UNK 37  38  38  UNK UNK A . n 
A 1 38  UNK 38  39  39  UNK UNK A . n 
A 1 39  UNK 39  40  40  UNK UNK A . n 
A 1 40  UNK 40  41  41  UNK UNK A . n 
A 1 41  UNK 41  42  42  UNK UNK A . n 
A 1 42  UNK 42  43  43  UNK UNK A . n 
A 1 43  UNK 43  44  44  UNK UNK A . n 
A 1 44  UNK 44  45  45  UNK UNK A . n 
A 1 45  UNK 45  46  46  UNK UNK A . n 
A 1 46  UNK 46  47  47  UNK UNK A . n 
A 1 47  UNK 47  48  48  UNK UNK A . n 
A 1 48  UNK 48  49  49  UNK UNK A . n 
A 1 49  UNK 49  50  50  UNK UNK A . n 
A 1 50  UNK 50  51  51  UNK UNK A . n 
A 1 51  UNK 51  52  52  UNK UNK A . n 
A 1 52  UNK 52  53  53  UNK UNK A . n 
A 1 53  UNK 53  54  54  UNK UNK A . n 
A 1 54  UNK 54  55  55  UNK UNK A . n 
A 1 55  UNK 55  56  56  UNK UNK A . n 
A 1 56  UNK 56  57  57  UNK UNK A . n 
A 1 57  UNK 57  58  58  UNK UNK A . n 
A 1 58  UNK 58  59  59  UNK UNK A . n 
A 1 59  UNK 59  60  60  UNK UNK A . n 
A 1 60  UNK 60  61  61  UNK UNK A . n 
A 1 61  UNK 61  62  62  UNK UNK A . n 
A 1 62  UNK 62  63  63  UNK UNK A . n 
A 1 63  UNK 63  64  64  UNK UNK A . n 
A 1 64  UNK 64  65  65  UNK UNK A . n 
A 1 65  UNK 65  66  66  UNK UNK A . n 
A 1 66  UNK 66  67  67  UNK UNK A . n 
A 1 67  UNK 67  68  68  UNK UNK A . n 
A 1 68  UNK 68  69  69  UNK UNK A . n 
A 1 69  UNK 69  70  70  UNK UNK A . n 
A 1 70  UNK 70  71  71  UNK UNK A . n 
A 1 71  UNK 71  72  72  UNK UNK A . n 
A 1 72  UNK 72  73  73  UNK UNK A . n 
A 1 73  UNK 73  74  74  UNK UNK A . n 
A 1 74  UNK 74  75  75  UNK UNK A . n 
A 1 75  UNK 75  76  76  UNK UNK A . n 
A 1 76  UNK 76  77  77  UNK UNK A . n 
A 1 77  UNK 77  78  78  UNK UNK A . n 
A 1 78  UNK 78  79  79  UNK UNK A . n 
A 1 79  UNK 79  80  80  UNK UNK A . n 
A 1 80  UNK 80  81  81  UNK UNK A . n 
A 1 81  UNK 81  82  82  UNK UNK A . n 
A 1 82  UNK 82  83  83  UNK UNK A . n 
A 1 83  UNK 83  84  84  UNK UNK A . n 
A 1 84  UNK 84  85  85  UNK UNK A . n 
A 1 85  UNK 85  86  86  UNK UNK A . n 
A 1 86  UNK 86  87  87  UNK UNK A . n 
A 1 87  UNK 87  88  88  UNK UNK A . n 
A 1 88  UNK 88  89  89  UNK UNK A . n 
A 1 89  UNK 89  90  90  UNK UNK A . n 
A 1 90  UNK 90  91  91  UNK UNK A . n 
A 1 91  UNK 91  92  92  UNK UNK A . n 
A 1 92  UNK 92  93  93  UNK UNK A . n 
A 1 93  UNK 93  94  94  UNK UNK A . n 
A 1 94  UNK 94  95  95  UNK UNK A . n 
A 1 95  UNK 95  96  96  UNK UNK A . n 
A 1 96  UNK 96  97  97  UNK UNK A . n 
A 1 97  UNK 97  98  98  UNK UNK A . n 
A 1 98  UNK 98  99  99  UNK UNK A . n 
A 1 99  UNK 99  100 100 UNK UNK A . n 
A 1 100 UNK 100 101 101 UNK UNK A . n 
A 1 101 UNK 101 102 102 UNK UNK A . n 
A 1 102 UNK 102 103 103 UNK UNK A . n 
A 1 103 UNK 103 104 104 UNK UNK A . n 
A 1 104 UNK 104 105 105 UNK UNK A . n 
A 1 105 UNK 105 106 106 UNK UNK A . n 
A 1 106 UNK 106 107 107 UNK UNK A . n 
A 1 107 UNK 107 108 108 UNK UNK A . n 
A 1 108 UNK 108 109 109 UNK UNK A . n 
A 1 109 UNK 109 110 110 UNK UNK A . n 
A 1 110 UNK 110 111 111 UNK UNK A . n 
A 1 111 UNK 111 112 112 UNK UNK A . n 
A 1 112 UNK 112 113 113 UNK UNK A . n 
A 1 113 UNK 113 114 114 UNK UNK A . n 
A 1 114 UNK 114 115 115 UNK UNK A . n 
A 1 115 UNK 115 116 116 UNK UNK A . n 
A 1 116 UNK 116 117 117 UNK UNK A . n 
A 1 117 UNK 117 118 118 UNK UNK A . n 
A 1 118 UNK 118 119 119 UNK UNK A . n 
A 1 119 UNK 119 120 120 UNK UNK A . n 
A 1 120 UNK 120 121 121 UNK UNK A . n 
A 1 121 UNK 121 122 122 UNK UNK A . n 
A 1 122 UNK 122 123 123 UNK UNK A . n 
A 1 123 UNK 123 124 124 UNK UNK A . n 
A 1 124 UNK 124 125 125 UNK UNK A . n 
A 1 125 UNK 125 126 126 UNK UNK A . n 
A 1 126 UNK 126 127 127 UNK UNK A . n 
A 1 127 UNK 127 128 128 UNK UNK A . n 
A 1 128 UNK 128 129 129 UNK UNK A . n 
A 1 129 UNK 129 130 130 UNK UNK A . n 
A 1 130 UNK 130 131 131 UNK UNK A . n 
A 1 131 UNK 131 132 132 UNK UNK A . n 
A 1 132 UNK 132 133 133 UNK UNK A . n 
A 1 133 UNK 133 134 134 UNK UNK A . n 
A 1 134 UNK 134 135 135 UNK UNK A . n 
A 1 135 UNK 135 136 136 UNK UNK A . n 
A 1 136 UNK 136 137 137 UNK UNK A . n 
A 1 137 UNK 137 138 138 UNK UNK A . n 
A 1 138 UNK 138 139 139 UNK UNK A . n 
A 1 139 UNK 139 140 140 UNK UNK A . n 
A 1 140 UNK 140 141 141 UNK UNK A . n 
A 1 141 UNK 141 142 142 UNK UNK A . n 
A 1 142 UNK 142 143 143 UNK UNK A . n 
A 1 143 UNK 143 144 144 UNK UNK A . n 
A 1 144 UNK 144 145 145 UNK UNK A . n 
A 1 145 UNK 145 146 146 UNK UNK A . n 
A 1 146 UNK 146 147 147 UNK UNK A . n 
A 1 147 UNK 147 148 148 UNK UNK A . n 
A 1 148 UNK 148 149 149 UNK UNK A . n 
A 1 149 UNK 149 150 150 UNK UNK A . n 
A 1 150 UNK 150 151 151 UNK UNK A . n 
A 1 151 UNK 151 152 152 UNK UNK A . n 
A 1 152 UNK 152 153 153 UNK UNK A . n 
A 1 153 UNK 153 154 154 UNK UNK A . n 
A 1 154 UNK 154 155 155 UNK UNK A . n 
A 1 155 UNK 155 156 156 UNK UNK A . n 
A 1 156 UNK 156 157 157 UNK UNK A . n 
A 1 157 UNK 157 158 158 UNK UNK A . n 
A 1 158 UNK 158 159 159 UNK UNK A . n 
A 1 159 UNK 159 160 160 UNK UNK A . n 
A 1 160 UNK 160 161 161 UNK UNK A . n 
A 1 161 UNK 161 162 162 UNK UNK A . n 
A 1 162 UNK 162 163 163 UNK UNK A . n 
A 1 163 UNK 163 164 164 UNK UNK A . n 
A 1 164 UNK 164 165 165 UNK UNK A . n 
A 1 165 UNK 165 166 166 UNK UNK A . n 
A 1 166 UNK 166 167 167 UNK UNK A . n 
A 1 167 UNK 167 168 168 UNK UNK A . n 
A 1 168 UNK 168 169 169 UNK UNK A . n 
A 1 169 UNK 169 170 170 UNK UNK A . n 
A 1 170 UNK 170 171 171 UNK UNK A . n 
A 1 171 UNK 171 172 172 UNK UNK A . n 
A 1 172 UNK 172 173 173 UNK UNK A . n 
A 1 173 UNK 173 174 174 UNK UNK A . n 
A 1 174 UNK 174 175 175 UNK UNK A . n 
A 1 175 UNK 175 176 176 UNK UNK A . n 
A 1 176 UNK 176 177 177 UNK UNK A . n 
A 1 177 UNK 177 178 178 UNK UNK A . n 
A 1 178 UNK 178 179 179 UNK UNK A . n 
A 1 179 UNK 179 180 180 UNK UNK A . n 
A 1 180 UNK 180 181 181 UNK UNK A . n 
A 1 181 UNK 181 182 182 UNK UNK A . n 
A 1 182 UNK 182 183 183 UNK UNK A . n 
A 1 183 UNK 183 184 184 UNK UNK A . n 
A 1 184 UNK 184 185 185 UNK UNK A . n 
A 1 185 UNK 185 186 186 UNK UNK A . n 
A 1 186 UNK 186 187 187 UNK UNK A . n 
A 1 187 UNK 187 188 188 UNK UNK A . n 
A 1 188 UNK 188 189 189 UNK UNK A . n 
A 1 189 UNK 189 190 190 UNK UNK A . n 
A 1 190 UNK 190 191 191 UNK UNK A . n 
A 1 191 UNK 191 192 192 UNK UNK A . n 
A 1 192 UNK 192 193 193 UNK UNK A . n 
A 1 193 UNK 193 194 194 UNK UNK A . n 
A 1 194 UNK 194 195 195 UNK UNK A . n 
A 1 195 UNK 195 196 196 UNK UNK A . n 
A 1 196 UNK 196 197 197 UNK UNK A . n 
A 1 197 UNK 197 198 198 UNK UNK A . n 
A 1 198 UNK 198 199 199 UNK UNK A . n 
A 1 199 UNK 199 200 200 UNK UNK A . n 
A 1 200 UNK 200 201 201 UNK UNK A . n 
A 1 201 UNK 201 202 202 UNK UNK A . n 
A 1 202 UNK 202 203 203 UNK UNK A . n 
A 1 203 UNK 203 204 204 UNK UNK A . n 
A 1 204 UNK 204 205 205 UNK UNK A . n 
A 1 205 UNK 205 206 206 UNK UNK A . n 
A 1 206 UNK 206 207 207 UNK UNK A . n 
A 1 207 UNK 207 208 208 UNK UNK A . n 
A 1 208 UNK 208 209 209 UNK UNK A . n 
A 1 209 UNK 209 210 210 UNK UNK A . n 
A 1 210 UNK 210 211 211 UNK UNK A . n 
A 1 211 UNK 211 212 212 UNK UNK A . n 
A 1 212 UNK 212 213 213 UNK UNK A . n 
A 1 213 UNK 213 214 214 UNK UNK A . n 
A 1 214 UNK 214 215 215 UNK UNK A . n 
A 1 215 UNK 215 216 216 UNK UNK A . n 
A 1 216 UNK 216 217 217 UNK UNK A . n 
A 1 217 UNK 217 218 218 UNK UNK A . n 
A 1 218 UNK 218 219 219 UNK UNK A . n 
A 1 219 UNK 219 220 220 UNK UNK A . n 
A 1 220 UNK 220 221 221 UNK UNK A . n 
A 1 221 UNK 221 222 222 UNK UNK A . n 
A 1 222 UNK 222 223 223 UNK UNK A . n 
A 1 223 UNK 223 224 224 UNK UNK A . n 
A 1 224 UNK 224 225 225 UNK UNK A . n 
A 1 225 UNK 225 226 226 UNK UNK A . n 
A 1 226 UNK 226 227 227 UNK UNK A . n 
A 1 227 UNK 227 228 228 UNK UNK A . n 
A 1 228 UNK 228 229 229 UNK UNK A . n 
A 1 229 UNK 229 230 230 UNK UNK A . n 
A 1 230 UNK 230 231 231 UNK UNK A . n 
A 1 231 UNK 231 232 232 UNK UNK A . n 
A 1 232 UNK 232 233 233 UNK UNK A . n 
A 1 233 UNK 233 234 234 UNK UNK A . n 
A 1 234 UNK 234 235 235 UNK UNK A . n 
A 1 235 UNK 235 236 236 UNK UNK A . n 
A 1 236 UNK 236 237 237 UNK UNK A . n 
A 1 237 UNK 237 238 238 UNK UNK A . n 
A 1 238 UNK 238 239 239 UNK UNK A . n 
A 1 239 UNK 239 240 240 UNK UNK A . n 
A 1 240 UNK 240 241 241 UNK UNK A . n 
A 1 241 UNK 241 242 242 UNK UNK A . n 
A 1 242 UNK 242 243 243 UNK UNK A . n 
A 1 243 UNK 243 244 244 UNK UNK A . n 
A 1 244 UNK 244 245 245 UNK UNK A . n 
A 1 245 UNK 245 246 246 UNK UNK A . n 
A 1 246 UNK 246 247 247 UNK UNK A . n 
A 1 247 UNK 247 248 248 UNK UNK A . n 
A 1 248 UNK 248 249 249 UNK UNK A . n 
A 1 249 UNK 249 250 250 UNK UNK A . n 
A 1 250 UNK 250 251 251 UNK UNK A . n 
A 1 251 UNK 251 252 252 UNK UNK A . n 
A 1 252 UNK 252 253 253 UNK UNK A . n 
A 1 253 UNK 253 254 254 UNK UNK A . n 
A 1 254 UNK 254 255 255 UNK UNK A . n 
A 1 255 UNK 255 256 256 UNK UNK A . n 
A 1 256 UNK 256 257 257 UNK UNK A . n 
A 1 257 UNK 257 258 258 UNK UNK A . n 
A 1 258 UNK 258 259 259 UNK UNK A . n 
A 1 259 UNK 259 260 260 UNK UNK A . n 
A 1 260 UNK 260 261 261 UNK UNK A . n 
A 1 261 UNK 261 262 262 UNK UNK A . n 
A 1 262 UNK 262 263 263 UNK UNK A . n 
A 1 263 UNK 263 264 264 UNK UNK A . n 
A 1 264 UNK 264 265 265 UNK UNK A . n 
A 1 265 UNK 265 266 266 UNK UNK A . n 
A 1 266 UNK 266 267 267 UNK UNK A . n 
A 1 267 UNK 267 268 268 UNK UNK A . n 
A 1 268 UNK 268 269 269 UNK UNK A . n 
A 1 269 UNK 269 270 270 UNK UNK A . n 
A 1 270 UNK 270 271 271 UNK UNK A . n 
A 1 271 UNK 271 272 272 UNK UNK A . n 
A 1 272 UNK 272 273 273 UNK UNK A . n 
A 1 273 UNK 273 274 274 UNK UNK A . n 
A 1 274 UNK 274 275 275 UNK UNK A . n 
A 1 275 UNK 275 276 276 UNK UNK A . n 
A 1 276 UNK 276 277 277 UNK UNK A . n 
A 1 277 UNK 277 278 278 UNK UNK A . n 
A 1 278 UNK 278 279 279 UNK UNK A . n 
A 1 279 UNK 279 280 280 UNK UNK A . n 
A 1 280 UNK 280 281 281 UNK UNK A . n 
A 1 281 UNK 281 282 282 UNK UNK A . n 
A 1 282 UNK 282 283 283 UNK UNK A . n 
A 1 283 UNK 283 284 284 UNK UNK A . n 
A 1 284 UNK 284 285 285 UNK UNK A . n 
A 1 285 UNK 285 286 286 UNK UNK A . n 
A 1 286 UNK 286 287 287 UNK UNK A . n 
A 1 287 UNK 287 288 288 UNK UNK A . n 
A 1 288 UNK 288 289 289 UNK UNK A . n 
A 1 289 UNK 289 290 290 UNK UNK A . n 
A 1 290 UNK 290 291 291 UNK UNK A . n 
A 1 291 UNK 291 292 292 UNK UNK A . n 
A 1 292 UNK 292 293 293 UNK UNK A . n 
A 1 293 UNK 293 294 294 UNK UNK A . n 
A 1 294 UNK 294 295 295 UNK UNK A . n 
A 1 295 UNK 295 296 296 UNK UNK A . n 
A 1 296 UNK 296 297 297 UNK UNK A . n 
A 1 297 UNK 297 298 298 UNK UNK A . n 
A 1 298 UNK 298 299 299 UNK UNK A . n 
A 1 299 UNK 299 300 300 UNK UNK A . n 
A 1 300 UNK 300 301 301 UNK UNK A . n 
A 1 301 UNK 301 302 302 UNK UNK A . n 
A 1 302 UNK 302 303 303 UNK UNK A . n 
A 1 303 UNK 303 304 304 UNK UNK A . n 
A 1 304 UNK 304 305 305 UNK UNK A . n 
A 1 305 UNK 305 306 306 UNK UNK A . n 
A 1 306 UNK 306 307 307 UNK UNK A . n 
A 1 307 UNK 307 308 308 UNK UNK A . n 
A 1 308 UNK 308 309 309 UNK UNK A . n 
A 1 309 UNK 309 310 310 UNK UNK A . n 
A 1 310 UNK 310 311 311 UNK UNK A . n 
A 1 311 UNK 311 312 312 UNK UNK A . n 
A 1 312 UNK 312 313 313 UNK UNK A . n 
A 1 313 UNK 313 314 314 UNK UNK A . n 
A 1 314 UNK 314 315 315 UNK UNK A . n 
A 1 315 UNK 315 316 316 UNK UNK A . n 
A 1 316 UNK 316 317 317 UNK UNK A . n 
A 1 317 UNK 317 318 318 UNK UNK A . n 
A 1 318 UNK 318 319 319 UNK UNK A . n 
A 1 319 UNK 319 320 320 UNK UNK A . n 
A 1 320 UNK 320 321 321 UNK UNK A . n 
A 1 321 UNK 321 322 322 UNK UNK A . n 
A 1 322 UNK 322 323 323 UNK UNK A . n 
A 1 323 UNK 323 324 324 UNK UNK A . n 
A 1 324 UNK 324 325 325 UNK UNK A . n 
A 1 325 UNK 325 326 326 UNK UNK A . n 
A 1 326 UNK 326 327 327 UNK UNK A . n 
A 1 327 UNK 327 328 328 UNK UNK A . n 
A 1 328 UNK 328 329 329 UNK UNK A . n 
A 1 329 UNK 329 330 330 UNK UNK A . n 
A 1 330 UNK 330 331 331 UNK UNK A . n 
A 1 331 UNK 331 332 332 UNK UNK A . n 
A 1 332 UNK 332 333 333 UNK UNK A . n 
A 1 333 UNK 333 334 334 UNK UNK A . n 
A 1 334 UNK 334 335 335 UNK UNK A . n 
A 1 335 UNK 335 336 336 UNK UNK A . n 
A 1 336 UNK 336 337 337 UNK UNK A . n 
A 1 337 UNK 337 338 338 UNK UNK A . n 
A 1 338 UNK 338 339 339 UNK UNK A . n 
A 1 339 UNK 339 340 340 UNK UNK A . n 
A 1 340 UNK 340 341 341 UNK UNK A . n 
A 1 341 UNK 341 342 342 UNK UNK A . n 
A 1 342 UNK 342 343 343 UNK UNK A . n 
A 1 343 UNK 343 344 344 UNK UNK A . n 
A 1 344 UNK 344 345 345 UNK UNK A . n 
A 1 345 UNK 345 346 346 UNK UNK A . n 
A 1 346 UNK 346 347 347 UNK UNK A . n 
A 1 347 UNK 347 348 348 UNK UNK A . n 
A 1 348 UNK 348 349 349 UNK UNK A . n 
A 1 349 UNK 349 350 350 UNK UNK A . n 
A 1 350 UNK 350 351 351 UNK UNK A . n 
A 1 351 UNK 351 352 352 UNK UNK A . n 
A 1 352 UNK 352 353 353 UNK UNK A . n 
A 1 353 UNK 353 354 354 UNK UNK A . n 
A 1 354 UNK 354 355 355 UNK UNK A . n 
A 1 355 UNK 355 356 356 UNK UNK A . n 
A 1 356 UNK 356 357 357 UNK UNK A . n 
A 1 357 UNK 357 358 358 UNK UNK A . n 
A 1 358 UNK 358 359 359 UNK UNK A . n 
A 1 359 UNK 359 360 360 UNK UNK A . n 
A 1 360 UNK 360 361 361 UNK UNK A . n 
A 1 361 UNK 361 362 362 UNK UNK A . n 
A 1 362 UNK 362 363 363 UNK UNK A . n 
A 1 363 UNK 363 364 364 UNK UNK A . n 
A 1 364 UNK 364 365 365 UNK UNK A . n 
A 1 365 UNK 365 366 366 UNK UNK A . n 
A 1 366 UNK 366 367 367 UNK UNK A . n 
A 1 367 UNK 367 368 368 UNK UNK A . n 
A 1 368 UNK 368 369 369 UNK UNK A . n 
A 1 369 UNK 369 370 370 UNK UNK A . n 
A 1 370 UNK 370 371 371 UNK UNK A . n 
A 1 371 UNK 371 372 372 UNK UNK A . n 
A 1 372 UNK 372 373 373 UNK UNK A . n 
A 1 373 UNK 373 374 374 UNK UNK A . n 
A 1 374 UNK 374 375 375 UNK UNK A . n 
A 1 375 UNK 375 376 376 UNK UNK A . n 
A 1 376 UNK 376 377 377 UNK UNK A . n 
A 1 377 UNK 377 378 378 UNK UNK A . n 
A 1 378 UNK 378 379 379 UNK UNK A . n 
A 1 379 UNK 379 380 380 UNK UNK A . n 
A 1 380 UNK 380 381 381 UNK UNK A . n 
A 1 381 UNK 381 382 382 UNK UNK A . n 
A 1 382 UNK 382 383 383 UNK UNK A . n 
A 1 383 UNK 383 384 384 UNK UNK A . n 
A 1 384 UNK 384 385 385 UNK UNK A . n 
A 1 385 UNK 385 386 386 UNK UNK A . n 
A 1 386 UNK 386 387 387 UNK UNK A . n 
A 1 387 UNK 387 388 388 UNK UNK A . n 
A 1 388 UNK 388 389 389 UNK UNK A . n 
A 1 389 UNK 389 390 390 UNK UNK A . n 
A 1 390 UNK 390 391 391 UNK UNK A . n 
A 1 391 UNK 391 392 392 UNK UNK A . n 
A 1 392 UNK 392 393 393 UNK UNK A . n 
A 1 393 UNK 393 394 394 UNK UNK A . n 
B 1 1   UNK 1   2   2   UNK UNK B . n 
B 1 2   UNK 2   3   3   UNK UNK B . n 
B 1 3   UNK 3   4   4   UNK UNK B . n 
B 1 4   UNK 4   5   5   UNK UNK B . n 
B 1 5   UNK 5   6   6   UNK UNK B . n 
B 1 6   UNK 6   7   7   UNK UNK B . n 
B 1 7   UNK 7   8   8   UNK UNK B . n 
B 1 8   UNK 8   9   9   UNK UNK B . n 
B 1 9   UNK 9   10  10  UNK UNK B . n 
B 1 10  UNK 10  11  11  UNK UNK B . n 
B 1 11  UNK 11  12  12  UNK UNK B . n 
B 1 12  UNK 12  13  13  UNK UNK B . n 
B 1 13  UNK 13  14  14  UNK UNK B . n 
B 1 14  UNK 14  15  15  UNK UNK B . n 
B 1 15  UNK 15  16  16  UNK UNK B . n 
B 1 16  UNK 16  17  17  UNK UNK B . n 
B 1 17  UNK 17  18  18  UNK UNK B . n 
B 1 18  UNK 18  19  19  UNK UNK B . n 
B 1 19  UNK 19  20  20  UNK UNK B . n 
B 1 20  UNK 20  21  21  UNK UNK B . n 
B 1 21  UNK 21  22  22  UNK UNK B . n 
B 1 22  UNK 22  23  23  UNK UNK B . n 
B 1 23  UNK 23  24  24  UNK UNK B . n 
B 1 24  UNK 24  25  25  UNK UNK B . n 
B 1 25  UNK 25  26  26  UNK UNK B . n 
B 1 26  UNK 26  27  27  UNK UNK B . n 
B 1 27  UNK 27  28  28  UNK UNK B . n 
B 1 28  UNK 28  29  29  UNK UNK B . n 
B 1 29  UNK 29  30  30  UNK UNK B . n 
B 1 30  UNK 30  31  31  UNK UNK B . n 
B 1 31  UNK 31  32  32  UNK UNK B . n 
B 1 32  UNK 32  33  33  UNK UNK B . n 
B 1 33  UNK 33  34  34  UNK UNK B . n 
B 1 34  UNK 34  35  35  UNK UNK B . n 
B 1 35  UNK 35  36  36  UNK UNK B . n 
B 1 36  UNK 36  37  37  UNK UNK B . n 
B 1 37  UNK 37  38  38  UNK UNK B . n 
B 1 38  UNK 38  39  39  UNK UNK B . n 
B 1 39  UNK 39  40  40  UNK UNK B . n 
B 1 40  UNK 40  41  41  UNK UNK B . n 
B 1 41  UNK 41  42  42  UNK UNK B . n 
B 1 42  UNK 42  43  43  UNK UNK B . n 
B 1 43  UNK 43  44  44  UNK UNK B . n 
B 1 44  UNK 44  45  45  UNK UNK B . n 
B 1 45  UNK 45  46  46  UNK UNK B . n 
B 1 46  UNK 46  47  47  UNK UNK B . n 
B 1 47  UNK 47  48  48  UNK UNK B . n 
B 1 48  UNK 48  49  49  UNK UNK B . n 
B 1 49  UNK 49  50  50  UNK UNK B . n 
B 1 50  UNK 50  51  51  UNK UNK B . n 
B 1 51  UNK 51  52  52  UNK UNK B . n 
B 1 52  UNK 52  53  53  UNK UNK B . n 
B 1 53  UNK 53  54  54  UNK UNK B . n 
B 1 54  UNK 54  55  55  UNK UNK B . n 
B 1 55  UNK 55  56  56  UNK UNK B . n 
B 1 56  UNK 56  57  57  UNK UNK B . n 
B 1 57  UNK 57  58  58  UNK UNK B . n 
B 1 58  UNK 58  59  59  UNK UNK B . n 
B 1 59  UNK 59  60  60  UNK UNK B . n 
B 1 60  UNK 60  61  61  UNK UNK B . n 
B 1 61  UNK 61  62  62  UNK UNK B . n 
B 1 62  UNK 62  63  63  UNK UNK B . n 
B 1 63  UNK 63  64  64  UNK UNK B . n 
B 1 64  UNK 64  65  65  UNK UNK B . n 
B 1 65  UNK 65  66  66  UNK UNK B . n 
B 1 66  UNK 66  67  67  UNK UNK B . n 
B 1 67  UNK 67  68  68  UNK UNK B . n 
B 1 68  UNK 68  69  69  UNK UNK B . n 
B 1 69  UNK 69  70  70  UNK UNK B . n 
B 1 70  UNK 70  71  71  UNK UNK B . n 
B 1 71  UNK 71  72  72  UNK UNK B . n 
B 1 72  UNK 72  73  73  UNK UNK B . n 
B 1 73  UNK 73  74  74  UNK UNK B . n 
B 1 74  UNK 74  75  75  UNK UNK B . n 
B 1 75  UNK 75  76  76  UNK UNK B . n 
B 1 76  UNK 76  77  77  UNK UNK B . n 
B 1 77  UNK 77  78  78  UNK UNK B . n 
B 1 78  UNK 78  79  79  UNK UNK B . n 
B 1 79  UNK 79  80  80  UNK UNK B . n 
B 1 80  UNK 80  81  81  UNK UNK B . n 
B 1 81  UNK 81  82  82  UNK UNK B . n 
B 1 82  UNK 82  83  83  UNK UNK B . n 
B 1 83  UNK 83  84  84  UNK UNK B . n 
B 1 84  UNK 84  85  85  UNK UNK B . n 
B 1 85  UNK 85  86  86  UNK UNK B . n 
B 1 86  UNK 86  87  87  UNK UNK B . n 
B 1 87  UNK 87  88  88  UNK UNK B . n 
B 1 88  UNK 88  89  89  UNK UNK B . n 
B 1 89  UNK 89  90  90  UNK UNK B . n 
B 1 90  UNK 90  91  91  UNK UNK B . n 
B 1 91  UNK 91  92  92  UNK UNK B . n 
B 1 92  UNK 92  93  93  UNK UNK B . n 
B 1 93  UNK 93  94  94  UNK UNK B . n 
B 1 94  UNK 94  95  95  UNK UNK B . n 
B 1 95  UNK 95  96  96  UNK UNK B . n 
B 1 96  UNK 96  97  97  UNK UNK B . n 
B 1 97  UNK 97  98  98  UNK UNK B . n 
B 1 98  UNK 98  99  99  UNK UNK B . n 
B 1 99  UNK 99  100 100 UNK UNK B . n 
B 1 100 UNK 100 101 101 UNK UNK B . n 
B 1 101 UNK 101 102 102 UNK UNK B . n 
B 1 102 UNK 102 103 103 UNK UNK B . n 
B 1 103 UNK 103 104 104 UNK UNK B . n 
B 1 104 UNK 104 105 105 UNK UNK B . n 
B 1 105 UNK 105 106 106 UNK UNK B . n 
B 1 106 UNK 106 107 107 UNK UNK B . n 
B 1 107 UNK 107 108 108 UNK UNK B . n 
B 1 108 UNK 108 109 109 UNK UNK B . n 
B 1 109 UNK 109 110 110 UNK UNK B . n 
B 1 110 UNK 110 111 111 UNK UNK B . n 
B 1 111 UNK 111 112 112 UNK UNK B . n 
B 1 112 UNK 112 113 113 UNK UNK B . n 
B 1 113 UNK 113 114 114 UNK UNK B . n 
B 1 114 UNK 114 115 115 UNK UNK B . n 
B 1 115 UNK 115 116 116 UNK UNK B . n 
B 1 116 UNK 116 117 117 UNK UNK B . n 
B 1 117 UNK 117 118 118 UNK UNK B . n 
B 1 118 UNK 118 119 119 UNK UNK B . n 
B 1 119 UNK 119 120 120 UNK UNK B . n 
B 1 120 UNK 120 121 121 UNK UNK B . n 
B 1 121 UNK 121 122 122 UNK UNK B . n 
B 1 122 UNK 122 123 123 UNK UNK B . n 
B 1 123 UNK 123 124 124 UNK UNK B . n 
B 1 124 UNK 124 125 125 UNK UNK B . n 
B 1 125 UNK 125 126 126 UNK UNK B . n 
B 1 126 UNK 126 127 127 UNK UNK B . n 
B 1 127 UNK 127 128 128 UNK UNK B . n 
B 1 128 UNK 128 129 129 UNK UNK B . n 
B 1 129 UNK 129 130 130 UNK UNK B . n 
B 1 130 UNK 130 131 131 UNK UNK B . n 
B 1 131 UNK 131 132 132 UNK UNK B . n 
B 1 132 UNK 132 133 133 UNK UNK B . n 
B 1 133 UNK 133 134 134 UNK UNK B . n 
B 1 134 UNK 134 135 135 UNK UNK B . n 
B 1 135 UNK 135 136 136 UNK UNK B . n 
B 1 136 UNK 136 137 137 UNK UNK B . n 
B 1 137 UNK 137 138 138 UNK UNK B . n 
B 1 138 UNK 138 139 139 UNK UNK B . n 
B 1 139 UNK 139 140 140 UNK UNK B . n 
B 1 140 UNK 140 141 141 UNK UNK B . n 
B 1 141 UNK 141 142 142 UNK UNK B . n 
B 1 142 UNK 142 143 143 UNK UNK B . n 
B 1 143 UNK 143 144 144 UNK UNK B . n 
B 1 144 UNK 144 145 145 UNK UNK B . n 
B 1 145 UNK 145 146 146 UNK UNK B . n 
B 1 146 UNK 146 147 147 UNK UNK B . n 
B 1 147 UNK 147 148 148 UNK UNK B . n 
B 1 148 UNK 148 149 149 UNK UNK B . n 
B 1 149 UNK 149 150 150 UNK UNK B . n 
B 1 150 UNK 150 151 151 UNK UNK B . n 
B 1 151 UNK 151 152 152 UNK UNK B . n 
B 1 152 UNK 152 153 153 UNK UNK B . n 
B 1 153 UNK 153 154 154 UNK UNK B . n 
B 1 154 UNK 154 155 155 UNK UNK B . n 
B 1 155 UNK 155 156 156 UNK UNK B . n 
B 1 156 UNK 156 157 157 UNK UNK B . n 
B 1 157 UNK 157 158 158 UNK UNK B . n 
B 1 158 UNK 158 159 159 UNK UNK B . n 
B 1 159 UNK 159 160 160 UNK UNK B . n 
B 1 160 UNK 160 161 161 UNK UNK B . n 
B 1 161 UNK 161 162 162 UNK UNK B . n 
B 1 162 UNK 162 163 163 UNK UNK B . n 
B 1 163 UNK 163 164 164 UNK UNK B . n 
B 1 164 UNK 164 165 165 UNK UNK B . n 
B 1 165 UNK 165 166 166 UNK UNK B . n 
B 1 166 UNK 166 167 167 UNK UNK B . n 
B 1 167 UNK 167 168 168 UNK UNK B . n 
B 1 168 UNK 168 169 169 UNK UNK B . n 
B 1 169 UNK 169 170 170 UNK UNK B . n 
B 1 170 UNK 170 171 171 UNK UNK B . n 
B 1 171 UNK 171 172 172 UNK UNK B . n 
B 1 172 UNK 172 173 173 UNK UNK B . n 
B 1 173 UNK 173 174 174 UNK UNK B . n 
B 1 174 UNK 174 175 175 UNK UNK B . n 
B 1 175 UNK 175 176 176 UNK UNK B . n 
B 1 176 UNK 176 177 177 UNK UNK B . n 
B 1 177 UNK 177 178 178 UNK UNK B . n 
B 1 178 UNK 178 179 179 UNK UNK B . n 
B 1 179 UNK 179 180 180 UNK UNK B . n 
B 1 180 UNK 180 181 181 UNK UNK B . n 
B 1 181 UNK 181 182 182 UNK UNK B . n 
B 1 182 UNK 182 183 183 UNK UNK B . n 
B 1 183 UNK 183 184 184 UNK UNK B . n 
B 1 184 UNK 184 185 185 UNK UNK B . n 
B 1 185 UNK 185 186 186 UNK UNK B . n 
B 1 186 UNK 186 187 187 UNK UNK B . n 
B 1 187 UNK 187 188 188 UNK UNK B . n 
B 1 188 UNK 188 189 189 UNK UNK B . n 
B 1 189 UNK 189 190 190 UNK UNK B . n 
B 1 190 UNK 190 191 191 UNK UNK B . n 
B 1 191 UNK 191 192 192 UNK UNK B . n 
B 1 192 UNK 192 193 193 UNK UNK B . n 
B 1 193 UNK 193 194 194 UNK UNK B . n 
B 1 194 UNK 194 195 195 UNK UNK B . n 
B 1 195 UNK 195 196 196 UNK UNK B . n 
B 1 196 UNK 196 197 197 UNK UNK B . n 
B 1 197 UNK 197 198 198 UNK UNK B . n 
B 1 198 UNK 198 199 199 UNK UNK B . n 
B 1 199 UNK 199 200 200 UNK UNK B . n 
B 1 200 UNK 200 201 201 UNK UNK B . n 
B 1 201 UNK 201 202 202 UNK UNK B . n 
B 1 202 UNK 202 203 203 UNK UNK B . n 
B 1 203 UNK 203 204 204 UNK UNK B . n 
B 1 204 UNK 204 205 205 UNK UNK B . n 
B 1 205 UNK 205 206 206 UNK UNK B . n 
B 1 206 UNK 206 207 207 UNK UNK B . n 
B 1 207 UNK 207 208 208 UNK UNK B . n 
B 1 208 UNK 208 209 209 UNK UNK B . n 
B 1 209 UNK 209 210 210 UNK UNK B . n 
B 1 210 UNK 210 211 211 UNK UNK B . n 
B 1 211 UNK 211 212 212 UNK UNK B . n 
B 1 212 UNK 212 213 213 UNK UNK B . n 
B 1 213 UNK 213 214 214 UNK UNK B . n 
B 1 214 UNK 214 215 215 UNK UNK B . n 
B 1 215 UNK 215 216 216 UNK UNK B . n 
B 1 216 UNK 216 217 217 UNK UNK B . n 
B 1 217 UNK 217 218 218 UNK UNK B . n 
B 1 218 UNK 218 219 219 UNK UNK B . n 
B 1 219 UNK 219 220 220 UNK UNK B . n 
B 1 220 UNK 220 221 221 UNK UNK B . n 
B 1 221 UNK 221 222 222 UNK UNK B . n 
B 1 222 UNK 222 223 223 UNK UNK B . n 
B 1 223 UNK 223 224 224 UNK UNK B . n 
B 1 224 UNK 224 225 225 UNK UNK B . n 
B 1 225 UNK 225 226 226 UNK UNK B . n 
B 1 226 UNK 226 227 227 UNK UNK B . n 
B 1 227 UNK 227 228 228 UNK UNK B . n 
B 1 228 UNK 228 229 229 UNK UNK B . n 
B 1 229 UNK 229 230 230 UNK UNK B . n 
B 1 230 UNK 230 231 231 UNK UNK B . n 
B 1 231 UNK 231 232 232 UNK UNK B . n 
B 1 232 UNK 232 233 233 UNK UNK B . n 
B 1 233 UNK 233 234 234 UNK UNK B . n 
B 1 234 UNK 234 235 235 UNK UNK B . n 
B 1 235 UNK 235 236 236 UNK UNK B . n 
B 1 236 UNK 236 237 237 UNK UNK B . n 
B 1 237 UNK 237 238 238 UNK UNK B . n 
B 1 238 UNK 238 239 239 UNK UNK B . n 
B 1 239 UNK 239 240 240 UNK UNK B . n 
B 1 240 UNK 240 241 241 UNK UNK B . n 
B 1 241 UNK 241 242 242 UNK UNK B . n 
B 1 242 UNK 242 243 243 UNK UNK B . n 
B 1 243 UNK 243 244 244 UNK UNK B . n 
B 1 244 UNK 244 245 245 UNK UNK B . n 
B 1 245 UNK 245 246 246 UNK UNK B . n 
B 1 246 UNK 246 247 247 UNK UNK B . n 
B 1 247 UNK 247 248 248 UNK UNK B . n 
B 1 248 UNK 248 249 249 UNK UNK B . n 
B 1 249 UNK 249 250 250 UNK UNK B . n 
B 1 250 UNK 250 251 251 UNK UNK B . n 
B 1 251 UNK 251 252 252 UNK UNK B . n 
B 1 252 UNK 252 253 253 UNK UNK B . n 
B 1 253 UNK 253 254 254 UNK UNK B . n 
B 1 254 UNK 254 255 255 UNK UNK B . n 
B 1 255 UNK 255 256 256 UNK UNK B . n 
B 1 256 UNK 256 257 257 UNK UNK B . n 
B 1 257 UNK 257 258 258 UNK UNK B . n 
B 1 258 UNK 258 259 259 UNK UNK B . n 
B 1 259 UNK 259 260 260 UNK UNK B . n 
B 1 260 UNK 260 261 261 UNK UNK B . n 
B 1 261 UNK 261 262 262 UNK UNK B . n 
B 1 262 UNK 262 263 263 UNK UNK B . n 
B 1 263 UNK 263 264 264 UNK UNK B . n 
B 1 264 UNK 264 265 265 UNK UNK B . n 
B 1 265 UNK 265 266 266 UNK UNK B . n 
B 1 266 UNK 266 267 267 UNK UNK B . n 
B 1 267 UNK 267 268 268 UNK UNK B . n 
B 1 268 UNK 268 269 269 UNK UNK B . n 
B 1 269 UNK 269 270 270 UNK UNK B . n 
B 1 270 UNK 270 271 271 UNK UNK B . n 
B 1 271 UNK 271 272 272 UNK UNK B . n 
B 1 272 UNK 272 273 273 UNK UNK B . n 
B 1 273 UNK 273 274 274 UNK UNK B . n 
B 1 274 UNK 274 275 275 UNK UNK B . n 
B 1 275 UNK 275 276 276 UNK UNK B . n 
B 1 276 UNK 276 277 277 UNK UNK B . n 
B 1 277 UNK 277 278 278 UNK UNK B . n 
B 1 278 UNK 278 279 279 UNK UNK B . n 
B 1 279 UNK 279 280 280 UNK UNK B . n 
B 1 280 UNK 280 281 281 UNK UNK B . n 
B 1 281 UNK 281 282 282 UNK UNK B . n 
B 1 282 UNK 282 283 283 UNK UNK B . n 
B 1 283 UNK 283 284 284 UNK UNK B . n 
B 1 284 UNK 284 285 285 UNK UNK B . n 
B 1 285 UNK 285 286 286 UNK UNK B . n 
B 1 286 UNK 286 287 287 UNK UNK B . n 
B 1 287 UNK 287 288 288 UNK UNK B . n 
B 1 288 UNK 288 289 289 UNK UNK B . n 
B 1 289 UNK 289 290 290 UNK UNK B . n 
B 1 290 UNK 290 291 291 UNK UNK B . n 
B 1 291 UNK 291 292 292 UNK UNK B . n 
B 1 292 UNK 292 293 293 UNK UNK B . n 
B 1 293 UNK 293 294 294 UNK UNK B . n 
B 1 294 UNK 294 295 295 UNK UNK B . n 
B 1 295 UNK 295 296 296 UNK UNK B . n 
B 1 296 UNK 296 297 297 UNK UNK B . n 
B 1 297 UNK 297 298 298 UNK UNK B . n 
B 1 298 UNK 298 299 299 UNK UNK B . n 
B 1 299 UNK 299 300 300 UNK UNK B . n 
B 1 300 UNK 300 301 301 UNK UNK B . n 
B 1 301 UNK 301 302 302 UNK UNK B . n 
B 1 302 UNK 302 303 303 UNK UNK B . n 
B 1 303 UNK 303 304 304 UNK UNK B . n 
B 1 304 UNK 304 305 305 UNK UNK B . n 
B 1 305 UNK 305 306 306 UNK UNK B . n 
B 1 306 UNK 306 307 307 UNK UNK B . n 
B 1 307 UNK 307 308 308 UNK UNK B . n 
B 1 308 UNK 308 309 309 UNK UNK B . n 
B 1 309 UNK 309 310 310 UNK UNK B . n 
B 1 310 UNK 310 311 311 UNK UNK B . n 
B 1 311 UNK 311 312 312 UNK UNK B . n 
B 1 312 UNK 312 313 313 UNK UNK B . n 
B 1 313 UNK 313 314 314 UNK UNK B . n 
B 1 314 UNK 314 315 315 UNK UNK B . n 
B 1 315 UNK 315 316 316 UNK UNK B . n 
B 1 316 UNK 316 317 317 UNK UNK B . n 
B 1 317 UNK 317 318 318 UNK UNK B . n 
B 1 318 UNK 318 319 319 UNK UNK B . n 
B 1 319 UNK 319 320 320 UNK UNK B . n 
B 1 320 UNK 320 321 321 UNK UNK B . n 
B 1 321 UNK 321 322 322 UNK UNK B . n 
B 1 322 UNK 322 323 323 UNK UNK B . n 
B 1 323 UNK 323 324 324 UNK UNK B . n 
B 1 324 UNK 324 325 325 UNK UNK B . n 
B 1 325 UNK 325 326 326 UNK UNK B . n 
B 1 326 UNK 326 327 327 UNK UNK B . n 
B 1 327 UNK 327 328 328 UNK UNK B . n 
B 1 328 UNK 328 329 329 UNK UNK B . n 
B 1 329 UNK 329 330 330 UNK UNK B . n 
B 1 330 UNK 330 331 331 UNK UNK B . n 
B 1 331 UNK 331 332 332 UNK UNK B . n 
B 1 332 UNK 332 333 333 UNK UNK B . n 
B 1 333 UNK 333 334 334 UNK UNK B . n 
B 1 334 UNK 334 335 335 UNK UNK B . n 
B 1 335 UNK 335 336 336 UNK UNK B . n 
B 1 336 UNK 336 337 337 UNK UNK B . n 
B 1 337 UNK 337 338 338 UNK UNK B . n 
B 1 338 UNK 338 339 339 UNK UNK B . n 
B 1 339 UNK 339 340 340 UNK UNK B . n 
B 1 340 UNK 340 341 341 UNK UNK B . n 
B 1 341 UNK 341 342 342 UNK UNK B . n 
B 1 342 UNK 342 343 343 UNK UNK B . n 
B 1 343 UNK 343 344 344 UNK UNK B . n 
B 1 344 UNK 344 345 345 UNK UNK B . n 
B 1 345 UNK 345 346 346 UNK UNK B . n 
B 1 346 UNK 346 347 347 UNK UNK B . n 
B 1 347 UNK 347 348 348 UNK UNK B . n 
B 1 348 UNK 348 349 349 UNK UNK B . n 
B 1 349 UNK 349 350 350 UNK UNK B . n 
B 1 350 UNK 350 351 351 UNK UNK B . n 
B 1 351 UNK 351 352 352 UNK UNK B . n 
B 1 352 UNK 352 353 353 UNK UNK B . n 
B 1 353 UNK 353 354 354 UNK UNK B . n 
B 1 354 UNK 354 355 355 UNK UNK B . n 
B 1 355 UNK 355 356 356 UNK UNK B . n 
B 1 356 UNK 356 357 357 UNK UNK B . n 
B 1 357 UNK 357 358 358 UNK UNK B . n 
B 1 358 UNK 358 359 359 UNK UNK B . n 
B 1 359 UNK 359 360 360 UNK UNK B . n 
B 1 360 UNK 360 361 361 UNK UNK B . n 
B 1 361 UNK 361 362 362 UNK UNK B . n 
B 1 362 UNK 362 363 363 UNK UNK B . n 
B 1 363 UNK 363 364 364 UNK UNK B . n 
B 1 364 UNK 364 365 365 UNK UNK B . n 
B 1 365 UNK 365 366 366 UNK UNK B . n 
B 1 366 UNK 366 367 367 UNK UNK B . n 
B 1 367 UNK 367 368 368 UNK UNK B . n 
B 1 368 UNK 368 369 369 UNK UNK B . n 
B 1 369 UNK 369 370 370 UNK UNK B . n 
B 1 370 UNK 370 371 371 UNK UNK B . n 
B 1 371 UNK 371 372 372 UNK UNK B . n 
B 1 372 UNK 372 373 373 UNK UNK B . n 
B 1 373 UNK 373 374 374 UNK UNK B . n 
B 1 374 UNK 374 375 375 UNK UNK B . n 
B 1 375 UNK 375 376 376 UNK UNK B . n 
B 1 376 UNK 376 377 377 UNK UNK B . n 
B 1 377 UNK 377 378 378 UNK UNK B . n 
B 1 378 UNK 378 379 379 UNK UNK B . n 
B 1 379 UNK 379 380 380 UNK UNK B . n 
B 1 380 UNK 380 381 381 UNK UNK B . n 
B 1 381 UNK 381 382 382 UNK UNK B . n 
B 1 382 UNK 382 383 383 UNK UNK B . n 
B 1 383 UNK 383 384 384 UNK UNK B . n 
B 1 384 UNK 384 385 385 UNK UNK B . n 
B 1 385 UNK 385 386 386 UNK UNK B . n 
B 1 386 UNK 386 387 387 UNK UNK B . n 
B 1 387 UNK 387 388 388 UNK UNK B . n 
B 1 388 UNK 388 389 389 UNK UNK B . n 
B 1 389 UNK 389 390 390 UNK UNK B . n 
B 1 390 UNK 390 391 391 UNK UNK B . n 
B 1 391 UNK 391 392 392 UNK UNK B . n 
B 1 392 UNK 392 393 393 UNK UNK B . n 
B 1 393 UNK 393 394 394 UNK UNK B . n 
# 
_cell.entry_id           1XIA 
_cell.length_a           105.770 
_cell.length_b           105.770 
_cell.length_c           153.370 
_cell.angle_alpha        90.00 
_cell.angle_beta         90.00 
_cell.angle_gamma        120.00 
_cell.Z_PDB              12 
_cell.pdbx_unique_axis   ? 
# 
_symmetry.entry_id                         1XIA 
_symmetry.space_group_name_H-M             'P 31 2 1' 
_symmetry.pdbx_full_space_group_name_H-M   ? 
_symmetry.cell_setting                     ? 
_symmetry.Int_Tables_number                152 
# 
_exptl.entry_id          1XIA 
_exptl.method            'X-RAY DIFFRACTION' 
_exptl.crystals_number   ? 
# 
_exptl_crystal.id                    1 
_exptl_crystal.density_meas          ? 
_exptl_crystal.density_Matthews      3.70 
_exptl_crystal.density_percent_sol   66.76 
_exptl_crystal.description           ? 
# 
_diffrn.id                     1 
_diffrn.crystal_id             1 
_diffrn.ambient_temp           ? 
_diffrn.ambient_temp_details   ? 
# 
_refine.entry_id                                 1XIA 
_refine.ls_number_reflns_obs                     ? 
_refine.ls_number_reflns_all                     ? 
_refine.pdbx_ls_sigma_I                          ? 
_refine.pdbx_ls_sigma_F                          ? 
_refine.pdbx_data_cutoff_high_absF               ? 
_refine.pdbx_data_cutoff_low_absF                ? 
_refine.pdbx_data_cutoff_high_rms_absF           ? 
_refine.ls_d_res_low                             ? 
_refine.ls_d_res_high                            2.3 
_refine.ls_percent_reflns_obs                    ? 
_refine.ls_R_factor_obs                          ? 
_refine.ls_R_factor_all                          ? 
_refine.ls_R_factor_R_work                       ? 
_refine.ls_R_factor_R_free                       ? 
_refine.ls_R_factor_R_free_error                 ? 
_refine.ls_R_factor_R_free_error_details         ? 
_refine.ls_percent_reflns_R_free                 ? 
_refine.ls_number_reflns_R_free                  ? 
_refine.ls_number_parameters                     ? 
_refine.ls_number_restraints                     ? 
_refine.occupancy_min                            ? 
_refine.occupancy_max                            ? 
_refine.B_iso_mean                               ? 
_refine.aniso_B[1][1]                            ? 
_refine.aniso_B[2][2]                            ? 
_refine.aniso_B[3][3]                            ? 
_refine.aniso_B[1][2]                            ? 
_refine.aniso_B[1][3]                            ? 
_refine.aniso_B[2][3]                            ? 
_refine.solvent_model_details                    ? 
_refine.solvent_model_param_ksol                 ? 
_refine.solvent_model_param_bsol                 ? 
_refine.pdbx_ls_cross_valid_method               ? 
_refine.details                                  ? 
_refine.pdbx_starting_model                      ? 
_refine.pdbx_method_to_determine_struct          ? 
_refine.pdbx_isotropic_thermal_model             ? 
_refine.pdbx_stereochemistry_target_values       ? 
_refine.pdbx_stereochem_target_val_spec_case     ? 
_refine.pdbx_R_Free_selection_details            ? 
_refine.pdbx_overall_ESU_R                       ? 
_refine.pdbx_overall_ESU_R_Free                  ? 
_refine.overall_SU_ML                            ? 
_refine.overall_SU_B                             ? 
_refine.pdbx_refine_id                           'X-RAY DIFFRACTION' 
_refine.pdbx_diffrn_id                           1 
_refine.pdbx_TLS_residual_ADP_flag               ? 
_refine.correlation_coeff_Fo_to_Fc               ? 
_refine.correlation_coeff_Fo_to_Fc_free          ? 
_refine.pdbx_solvent_vdw_probe_radii             ? 
_refine.pdbx_solvent_ion_probe_radii             ? 
_refine.pdbx_solvent_shrinkage_radii             ? 
_refine.pdbx_overall_phase_error                 ? 
_refine.overall_SU_R_Cruickshank_DPI             ? 
_refine.pdbx_overall_SU_R_free_Cruickshank_DPI   ? 
_refine.pdbx_overall_SU_R_Blow_DPI               ? 
_refine.pdbx_overall_SU_R_free_Blow_DPI          ? 
# 
_refine_hist.pdbx_refine_id                   'X-RAY DIFFRACTION' 
_refine_hist.cycle_id                         LAST 
_refine_hist.pdbx_number_atoms_protein        786 
_refine_hist.pdbx_number_atoms_nucleic_acid   0 
_refine_hist.pdbx_number_atoms_ligand         0 
_refine_hist.number_atoms_solvent             0 
_refine_hist.number_atoms_total               786 
_refine_hist.d_res_high                       2.3 
_refine_hist.d_res_low                        . 
# 
_struct_ncs_oper.id             1 
_struct_ncs_oper.code           given 
_struct_ncs_oper.details        ? 
_struct_ncs_oper.matrix[1][1]   0.42070787 
_struct_ncs_oper.matrix[1][2]   0.79305615 
_struct_ncs_oper.matrix[1][3]   0.44052813 
_struct_ncs_oper.matrix[2][1]   0.79392908 
_struct_ncs_oper.matrix[2][2]   -0.55682045 
_struct_ncs_oper.matrix[2][3]   0.24420571 
_struct_ncs_oper.matrix[3][1]   0.43896312 
_struct_ncs_oper.matrix[3][2]   0.24701456 
_struct_ncs_oper.matrix[3][3]   -0.86388742 
_struct_ncs_oper.vector[1]      -0.00644 
_struct_ncs_oper.vector[2]      0.00138 
_struct_ncs_oper.vector[3]      -0.03054 
# 
_struct.entry_id                  1XIA 
_struct.title                     'COMPARISON OF BACKBONE STRUCTURES OF GLUCOSE ISOMERASE FROM STREPTOMYCES AND ARTHROBACTER' 
_struct.pdbx_model_details        ? 
_struct.pdbx_CASP_flag            ? 
_struct.pdbx_model_type_details   ? 
# 
_struct_keywords.entry_id        1XIA 
_struct_keywords.pdbx_keywords   'ISOMERASE(INTRAMOLECULAR OXIDOREDUCTASE)' 
_struct_keywords.text            'ISOMERASE(INTRAMOLECULAR OXIDOREDUCTASE)' 
# 
loop_
_struct_asym.id 
_struct_asym.pdbx_blank_PDB_chainid_flag 
_struct_asym.pdbx_modified 
_struct_asym.entity_id 
_struct_asym.details 
A N N 1 ? 
B N N 1 ? 
# 
_struct_ref.id                         1 
_struct_ref.entity_id                  1 
_struct_ref.db_name                    PDB 
_struct_ref.db_code                    1XIA 
_struct_ref.pdbx_db_accession          1XIA 
_struct_ref.pdbx_db_isoform            ? 
_struct_ref.pdbx_seq_one_letter_code   ? 
_struct_ref.pdbx_align_begin           ? 
# 
loop_
_struct_ref_seq.align_id 
_struct_ref_seq.ref_id 
_struct_ref_seq.pdbx_PDB_id_code 
_struct_ref_seq.pdbx_strand_id 
_struct_ref_seq.seq_align_beg 
_struct_ref_seq.pdbx_seq_align_beg_ins_code 
_struct_ref_seq.seq_align_end 
_struct_ref_seq.pdbx_seq_align_end_ins_code 
_struct_ref_seq.pdbx_db_accession 
_struct_ref_seq.db_align_beg 
_struct_ref_seq.pdbx_db_align_beg_ins_code 
_struct_ref_seq.db_align_end 
_struct_ref_seq.pdbx_db_align_end_ins_code 
_struct_ref_seq.pdbx_auth_seq_align_beg 
_struct_ref_seq.pdbx_auth_seq_align_end 
1 1 1XIA A 1 ? 393 ? 1XIA 2 ? 394 ? 2 394 
2 1 1XIA B 1 ? 393 ? 1XIA 2 ? 394 ? 2 394 
# 
_pdbx_struct_assembly.id                   1 
_pdbx_struct_assembly.details              author_defined_assembly 
_pdbx_struct_assembly.method_details       ? 
_pdbx_struct_assembly.oligomeric_details   tetrameric 
_pdbx_struct_assembly.oligomeric_count     4 
# 
_pdbx_struct_assembly_gen.assembly_id       1 
_pdbx_struct_assembly_gen.oper_expression   1,2 
_pdbx_struct_assembly_gen.asym_id_list      A,B 
# 
loop_
_pdbx_struct_oper_list.id 
_pdbx_struct_oper_list.type 
_pdbx_struct_oper_list.name 
_pdbx_struct_oper_list.symmetry_operation 
_pdbx_struct_oper_list.matrix[1][1] 
_pdbx_struct_oper_list.matrix[1][2] 
_pdbx_struct_oper_list.matrix[1][3] 
_pdbx_struct_oper_list.vector[1] 
_pdbx_struct_oper_list.matrix[2][1] 
_pdbx_struct_oper_list.matrix[2][2] 
_pdbx_struct_oper_list.matrix[2][3] 
_pdbx_struct_oper_list.vector[2] 
_pdbx_struct_oper_list.matrix[3][1] 
_pdbx_struct_oper_list.matrix[3][2] 
_pdbx_struct_oper_list.matrix[3][3] 
_pdbx_struct_oper_list.vector[3] 
1 'identity operation'         1_555 x,y,z  1.0000000000  0.0000000000  0.0000000000 0.0000000000   0.0000000000  1.0000000000  0.0000000000  0.0000000000   0.0000000000 0.0000000000  1.0000000000 0.0000000000  
2 'crystal symmetry operation' 4_555 y,x,-z -0.9681624000 -0.1623046449 0.1905748398 -18.2191455397 -0.1623046449 -0.1725884574 -0.9715299412 -10.2147293362 0.1905748398 -0.9715299412 0.1407508574 -5.6557526199 
# 
_struct_biol.id   1 
# 
loop_
_pdbx_coordinate_model.asym_id 
_pdbx_coordinate_model.type 
A 'CA ATOMS ONLY' 
B 'CA ATOMS ONLY' 
# 
_atom_sites.entry_id                    1XIA 
_atom_sites.fract_transf_matrix[1][1]   0.00283100 
_atom_sites.fract_transf_matrix[1][2]   0.00363293 
_atom_sites.fract_transf_matrix[1][3]   -0.00989778 
_atom_sites.fract_transf_matrix[2][1]   -0.00521719 
_atom_sites.fract_transf_matrix[2][2]   0.00852962 
_atom_sites.fract_transf_matrix[2][3]   -0.00438263 
_atom_sites.fract_transf_matrix[3][1]   0.00432748 
_atom_sites.fract_transf_matrix[3][2]   0.00404594 
_atom_sites.fract_transf_matrix[3][3]   0.00272281 
_atom_sites.fract_transf_vector[1]      0.644033 
_atom_sites.fract_transf_vector[2]      0.611307 
_atom_sites.fract_transf_vector[3]      0.067785 
# 
_atom_type.symbol   C 
# 
loop_
_atom_site.group_PDB 
_atom_site.id 
_atom_site.type_symbol 
_atom_site.label_atom_id 
_atom_site.label_alt_id 
_atom_site.label_comp_id 
_atom_site.label_asym_id 
_atom_site.label_entity_id 
_atom_site.label_seq_id 
_atom_site.pdbx_PDB_ins_code 
_atom_site.Cartn_x 
_atom_site.Cartn_y 
_atom_site.Cartn_z 
_atom_site.occupancy 
_atom_site.B_iso_or_equiv 
_atom_site.pdbx_formal_charge 
_atom_site.auth_seq_id 
_atom_site.auth_comp_id 
_atom_site.auth_asym_id 
_atom_site.auth_atom_id 
_atom_site.pdbx_PDB_model_num 
ATOM 1   C CA . UNK A 1 1   ? 12.322  23.036  6.810   1.00 0.00 ? 2   UNK A CA 1 
ATOM 2   C CA . UNK A 1 2   ? 9.240   25.109  7.578   1.00 0.00 ? 3   UNK A CA 1 
ATOM 3   C CA . UNK A 1 3   ? 6.285   25.627  5.214   1.00 0.00 ? 4   UNK A CA 1 
ATOM 4   C CA . UNK A 1 4   ? 5.890   29.140  3.734   1.00 0.00 ? 5   UNK A CA 1 
ATOM 5   C CA . UNK A 1 5   ? 3.225   31.088  1.792   1.00 0.00 ? 6   UNK A CA 1 
ATOM 6   C CA . UNK A 1 6   ? 4.800   30.838  -1.738  1.00 0.00 ? 7   UNK A CA 1 
ATOM 7   C CA . UNK A 1 7   ? 4.751   26.971  -1.345  1.00 0.00 ? 8   UNK A CA 1 
ATOM 8   C CA . UNK A 1 8   ? 0.871   26.958  -1.746  1.00 0.00 ? 9   UNK A CA 1 
ATOM 9   C CA . UNK A 1 9   ? -0.401  24.741  1.124   1.00 0.00 ? 10  UNK A CA 1 
ATOM 10  C CA . UNK A 1 10  ? -4.190  24.987  1.449   1.00 0.00 ? 11  UNK A CA 1 
ATOM 11  C CA . UNK A 1 11  ? -6.480  23.245  3.932   1.00 0.00 ? 12  UNK A CA 1 
ATOM 12  C CA . UNK A 1 12  ? -10.218 22.850  4.300   1.00 0.00 ? 13  UNK A CA 1 
ATOM 13  C CA . UNK A 1 13  ? -12.255 24.169  7.211   1.00 0.00 ? 14  UNK A CA 1 
ATOM 14  C CA . UNK A 1 14  ? -13.694 20.592  7.526   1.00 0.00 ? 15  UNK A CA 1 
ATOM 15  C CA . UNK A 1 15  ? -10.213 18.955  7.776   1.00 0.00 ? 16  UNK A CA 1 
ATOM 16  C CA . UNK A 1 16  ? -8.849  20.461  11.066  1.00 0.00 ? 17  UNK A CA 1 
ATOM 17  C CA . UNK A 1 17  ? -12.453 21.111  12.093  1.00 0.00 ? 18  UNK A CA 1 
ATOM 18  C CA . UNK A 1 18  ? -13.453 17.417  11.583  1.00 0.00 ? 19  UNK A CA 1 
ATOM 19  C CA . UNK A 1 19  ? -14.983 16.512  14.964  1.00 0.00 ? 20  UNK A CA 1 
ATOM 20  C CA . UNK A 1 20  ? -14.585 12.773  14.979  1.00 0.00 ? 21  UNK A CA 1 
ATOM 21  C CA . UNK A 1 21  ? -18.007 11.513  14.207  1.00 0.00 ? 22  UNK A CA 1 
ATOM 22  C CA . UNK A 1 22  ? -17.622 8.173   12.377  1.00 0.00 ? 23  UNK A CA 1 
ATOM 23  C CA . UNK A 1 23  ? -20.100 5.421   11.569  1.00 0.00 ? 24  UNK A CA 1 
ATOM 24  C CA . UNK A 1 24  ? -19.505 3.563   14.893  1.00 0.00 ? 25  UNK A CA 1 
ATOM 25  C CA . UNK A 1 25  ? -19.080 6.559   17.220  1.00 0.00 ? 26  UNK A CA 1 
ATOM 26  C CA . UNK A 1 26  ? -19.694 10.254  18.004  1.00 0.00 ? 27  UNK A CA 1 
ATOM 27  C CA . UNK A 1 27  ? -17.521 13.381  17.979  1.00 0.00 ? 28  UNK A CA 1 
ATOM 28  C CA . UNK A 1 28  ? -14.447 13.226  20.271  1.00 0.00 ? 29  UNK A CA 1 
ATOM 29  C CA . UNK A 1 29  ? -13.629 16.964  19.958  1.00 0.00 ? 30  UNK A CA 1 
ATOM 30  C CA . UNK A 1 30  ? -15.654 20.223  20.237  1.00 0.00 ? 31  UNK A CA 1 
ATOM 31  C CA . UNK A 1 31  ? -16.524 22.173  17.117  1.00 0.00 ? 32  UNK A CA 1 
ATOM 32  C CA . UNK A 1 32  ? -13.933 24.453  15.518  1.00 0.00 ? 33  UNK A CA 1 
ATOM 33  C CA . UNK A 1 33  ? -14.724 28.197  15.390  1.00 0.00 ? 34  UNK A CA 1 
ATOM 34  C CA . UNK A 1 34  ? -14.107 29.137  11.705  1.00 0.00 ? 35  UNK A CA 1 
ATOM 35  C CA . UNK A 1 35  ? -12.195 32.346  12.910  1.00 0.00 ? 36  UNK A CA 1 
ATOM 36  C CA . UNK A 1 36  ? -9.764  30.107  14.953  1.00 0.00 ? 37  UNK A CA 1 
ATOM 37  C CA . UNK A 1 37  ? -8.808  27.989  11.841  1.00 0.00 ? 38  UNK A CA 1 
ATOM 38  C CA . UNK A 1 38  ? -7.405  31.038  10.038  1.00 0.00 ? 39  UNK A CA 1 
ATOM 39  C CA . UNK A 1 39  ? -5.330  32.319  12.959  1.00 0.00 ? 40  UNK A CA 1 
ATOM 40  C CA . UNK A 1 40  ? -3.766  28.897  13.568  1.00 0.00 ? 41  UNK A CA 1 
ATOM 41  C CA . UNK A 1 41  ? -2.955  27.836  9.994   1.00 0.00 ? 42  UNK A CA 1 
ATOM 42  C CA . UNK A 1 42  ? -1.270  31.179  9.199   1.00 0.00 ? 43  UNK A CA 1 
ATOM 43  C CA . UNK A 1 43  ? 1.320   30.618  11.986  1.00 0.00 ? 44  UNK A CA 1 
ATOM 44  C CA . UNK A 1 44  ? 1.684   26.895  11.006  1.00 0.00 ? 45  UNK A CA 1 
ATOM 45  C CA . UNK A 1 45  ? 2.687   28.079  7.491   1.00 0.00 ? 46  UNK A CA 1 
ATOM 46  C CA . UNK A 1 46  ? -0.273  28.000  5.088   1.00 0.00 ? 47  UNK A CA 1 
ATOM 47  C CA . UNK A 1 47  ? -1.123  30.038  1.882   1.00 0.00 ? 48  UNK A CA 1 
ATOM 48  C CA . UNK A 1 48  ? -4.795  29.854  2.972   1.00 0.00 ? 49  UNK A CA 1 
ATOM 49  C CA . UNK A 1 49  ? -7.984  27.940  3.625   1.00 0.00 ? 50  UNK A CA 1 
ATOM 50  C CA . UNK A 1 50  ? -10.892 26.416  1.586   1.00 0.00 ? 51  UNK A CA 1 
ATOM 51  C CA . UNK A 1 51  ? -14.454 25.550  2.780   1.00 0.00 ? 52  UNK A CA 1 
ATOM 52  C CA . UNK A 1 52  ? -17.767 23.958  1.894   1.00 0.00 ? 53  UNK A CA 1 
ATOM 53  C CA . UNK A 1 53  ? -20.847 26.381  1.979   1.00 0.00 ? 54  UNK A CA 1 
ATOM 54  C CA . UNK A 1 54  ? -22.320 24.715  5.141   1.00 0.00 ? 55  UNK A CA 1 
ATOM 55  C CA . UNK A 1 55  ? -18.923 24.341  6.929   1.00 0.00 ? 56  UNK A CA 1 
ATOM 56  C CA . UNK A 1 56  ? -19.315 28.134  7.750   1.00 0.00 ? 57  UNK A CA 1 
ATOM 57  C CA . UNK A 1 57  ? -22.913 29.130  7.138   1.00 0.00 ? 58  UNK A CA 1 
ATOM 58  C CA . UNK A 1 58  ? -25.402 26.675  8.655   1.00 0.00 ? 59  UNK A CA 1 
ATOM 59  C CA . UNK A 1 59  ? -28.096 25.220  6.255   1.00 0.00 ? 60  UNK A CA 1 
ATOM 60  C CA . UNK A 1 60  ? -30.693 27.035  8.313   1.00 0.00 ? 61  UNK A CA 1 
ATOM 61  C CA . UNK A 1 61  ? -28.824 30.329  8.884   1.00 0.00 ? 62  UNK A CA 1 
ATOM 62  C CA . UNK A 1 62  ? -31.125 33.398  8.618   1.00 0.00 ? 63  UNK A CA 1 
ATOM 63  C CA . UNK A 1 63  ? -29.621 36.373  6.671   1.00 0.00 ? 64  UNK A CA 1 
ATOM 64  C CA . UNK A 1 64  ? -28.519 38.233  9.814   1.00 0.00 ? 65  UNK A CA 1 
ATOM 65  C CA . UNK A 1 65  ? -26.735 35.015  10.911  1.00 0.00 ? 66  UNK A CA 1 
ATOM 66  C CA . UNK A 1 66  ? -25.042 34.540  7.428   1.00 0.00 ? 67  UNK A CA 1 
ATOM 67  C CA . UNK A 1 67  ? -23.894 38.132  7.393   1.00 0.00 ? 68  UNK A CA 1 
ATOM 68  C CA . UNK A 1 68  ? -22.200 38.091  10.903  1.00 0.00 ? 69  UNK A CA 1 
ATOM 69  C CA . UNK A 1 69  ? -20.403 34.901  10.195  1.00 0.00 ? 70  UNK A CA 1 
ATOM 70  C CA . UNK A 1 70  ? -19.194 36.152  6.746   1.00 0.00 ? 71  UNK A CA 1 
ATOM 71  C CA . UNK A 1 71  ? -18.598 39.383  8.632   1.00 0.00 ? 72  UNK A CA 1 
ATOM 72  C CA . UNK A 1 72  ? -15.798 38.069  10.791  1.00 0.00 ? 73  UNK A CA 1 
ATOM 73  C CA . UNK A 1 73  ? -14.446 35.175  8.498   1.00 0.00 ? 74  UNK A CA 1 
ATOM 74  C CA . UNK A 1 74  ? -13.363 38.021  6.186   1.00 0.00 ? 75  UNK A CA 1 
ATOM 75  C CA . UNK A 1 75  ? -11.595 40.073  8.957   1.00 0.00 ? 76  UNK A CA 1 
ATOM 76  C CA . UNK A 1 76  ? -9.369  37.093  10.149  1.00 0.00 ? 77  UNK A CA 1 
ATOM 77  C CA . UNK A 1 77  ? -8.824  36.436  6.329   1.00 0.00 ? 78  UNK A CA 1 
ATOM 78  C CA . UNK A 1 78  ? -7.817  40.202  6.187   1.00 0.00 ? 79  UNK A CA 1 
ATOM 79  C CA . UNK A 1 79  ? -6.074  39.856  9.608   1.00 0.00 ? 80  UNK A CA 1 
ATOM 80  C CA . UNK A 1 80  ? -3.797  36.783  9.095   1.00 0.00 ? 81  UNK A CA 1 
ATOM 81  C CA . UNK A 1 81  ? -3.601  37.134  5.300   1.00 0.00 ? 82  UNK A CA 1 
ATOM 82  C CA . UNK A 1 82  ? -5.043  33.872  4.022   1.00 0.00 ? 83  UNK A CA 1 
ATOM 83  C CA . UNK A 1 83  ? -6.477  33.980  0.518   1.00 0.00 ? 84  UNK A CA 1 
ATOM 84  C CA . UNK A 1 84  ? -9.431  31.457  -0.287  1.00 0.00 ? 85  UNK A CA 1 
ATOM 85  C CA . UNK A 1 85  ? -8.412  29.551  -3.422  1.00 0.00 ? 86  UNK A CA 1 
ATOM 86  C CA . UNK A 1 86  ? -11.174 26.927  -3.602  1.00 0.00 ? 87  UNK A CA 1 
ATOM 87  C CA . UNK A 1 87  ? -14.808 26.972  -2.357  1.00 0.00 ? 88  UNK A CA 1 
ATOM 88  C CA . UNK A 1 88  ? -17.128 23.885  -2.854  1.00 0.00 ? 89  UNK A CA 1 
ATOM 89  C CA . UNK A 1 89  ? -20.749 22.906  -2.136  1.00 0.00 ? 90  UNK A CA 1 
ATOM 90  C CA . UNK A 1 90  ? -22.021 20.394  0.376   1.00 0.00 ? 91  UNK A CA 1 
ATOM 91  C CA . UNK A 1 91  ? -24.516 18.339  -1.633  1.00 0.00 ? 92  UNK A CA 1 
ATOM 92  C CA . UNK A 1 92  ? -24.267 15.182  0.581   1.00 0.00 ? 93  UNK A CA 1 
ATOM 93  C CA . UNK A 1 93  ? -24.976 15.716  4.325   1.00 0.00 ? 94  UNK A CA 1 
ATOM 94  C CA . UNK A 1 94  ? -28.654 16.725  4.743   1.00 0.00 ? 95  UNK A CA 1 
ATOM 95  C CA . UNK A 1 95  ? -31.311 13.996  4.392   1.00 0.00 ? 96  UNK A CA 1 
ATOM 96  C CA . UNK A 1 96  ? -32.692 15.723  1.181   1.00 0.00 ? 97  UNK A CA 1 
ATOM 97  C CA . UNK A 1 97  ? -29.478 14.624  -0.684  1.00 0.00 ? 98  UNK A CA 1 
ATOM 98  C CA . UNK A 1 98  ? -29.775 10.899  0.064   1.00 0.00 ? 99  UNK A CA 1 
ATOM 99  C CA . UNK A 1 99  ? -30.009 9.863   -3.657  1.00 0.00 ? 100 UNK A CA 1 
ATOM 100 C CA . UNK A 1 100 ? -27.912 12.794  -4.920  1.00 0.00 ? 101 UNK A CA 1 
ATOM 101 C CA . UNK A 1 101 ? -28.029 16.445  -5.694  1.00 0.00 ? 102 UNK A CA 1 
ATOM 102 C CA . UNK A 1 102 ? -27.331 16.651  -9.454  1.00 0.00 ? 103 UNK A CA 1 
ATOM 103 C CA . UNK A 1 103 ? -28.505 13.038  -10.159 1.00 0.00 ? 104 UNK A CA 1 
ATOM 104 C CA . UNK A 1 104 ? -31.268 12.487  -7.578  1.00 0.00 ? 105 UNK A CA 1 
ATOM 105 C CA . UNK A 1 105 ? -34.239 10.513  -8.999  1.00 0.00 ? 106 UNK A CA 1 
ATOM 106 C CA . UNK A 1 106 ? -36.645 13.224  -7.626  1.00 0.00 ? 107 UNK A CA 1 
ATOM 107 C CA . UNK A 1 107 ? -36.717 16.263  -9.934  1.00 0.00 ? 108 UNK A CA 1 
ATOM 108 C CA . UNK A 1 108 ? -37.531 18.994  -7.377  1.00 0.00 ? 109 UNK A CA 1 
ATOM 109 C CA . UNK A 1 109 ? -34.432 17.962  -5.324  1.00 0.00 ? 110 UNK A CA 1 
ATOM 110 C CA . UNK A 1 110 ? -32.168 18.218  -8.451  1.00 0.00 ? 111 UNK A CA 1 
ATOM 111 C CA . UNK A 1 111 ? -33.400 21.824  -9.037  1.00 0.00 ? 112 UNK A CA 1 
ATOM 112 C CA . UNK A 1 112 ? -32.740 22.737  -5.374  1.00 0.00 ? 113 UNK A CA 1 
ATOM 113 C CA . UNK A 1 113 ? -29.208 21.194  -5.646  1.00 0.00 ? 114 UNK A CA 1 
ATOM 114 C CA . UNK A 1 114 ? -28.462 23.306  -8.716  1.00 0.00 ? 115 UNK A CA 1 
ATOM 115 C CA . UNK A 1 115 ? -30.092 26.411  -7.183  1.00 0.00 ? 116 UNK A CA 1 
ATOM 116 C CA . UNK A 1 116 ? -27.709 25.778  -4.194  1.00 0.00 ? 117 UNK A CA 1 
ATOM 117 C CA . UNK A 1 117 ? -24.615 25.385  -6.436  1.00 0.00 ? 118 UNK A CA 1 
ATOM 118 C CA . UNK A 1 118 ? -25.380 28.545  -8.478  1.00 0.00 ? 119 UNK A CA 1 
ATOM 119 C CA . UNK A 1 119 ? -25.715 30.627  -5.268  1.00 0.00 ? 120 UNK A CA 1 
ATOM 120 C CA . UNK A 1 120 ? -22.392 29.145  -3.997  1.00 0.00 ? 121 UNK A CA 1 
ATOM 121 C CA . UNK A 1 121 ? -20.634 30.237  -7.324  1.00 0.00 ? 122 UNK A CA 1 
ATOM 122 C CA . UNK A 1 122 ? -21.413 33.894  -6.352  1.00 0.00 ? 123 UNK A CA 1 
ATOM 123 C CA . UNK A 1 123 ? -19.836 33.405  -2.848  1.00 0.00 ? 124 UNK A CA 1 
ATOM 124 C CA . UNK A 1 124 ? -16.700 31.811  -4.393  1.00 0.00 ? 125 UNK A CA 1 
ATOM 125 C CA . UNK A 1 125 ? -16.586 34.685  -6.884  1.00 0.00 ? 126 UNK A CA 1 
ATOM 126 C CA . UNK A 1 126 ? -16.824 37.341  -4.128  1.00 0.00 ? 127 UNK A CA 1 
ATOM 127 C CA . UNK A 1 127 ? -14.290 35.441  -1.924  1.00 0.00 ? 128 UNK A CA 1 
ATOM 128 C CA . UNK A 1 128 ? -11.688 35.607  -4.762  1.00 0.00 ? 129 UNK A CA 1 
ATOM 129 C CA . UNK A 1 129 ? -11.471 31.825  -5.211  1.00 0.00 ? 130 UNK A CA 1 
ATOM 130 C CA . UNK A 1 130 ? -9.973  30.413  -8.449  1.00 0.00 ? 131 UNK A CA 1 
ATOM 131 C CA . UNK A 1 131 ? -11.399 26.848  -8.402  1.00 0.00 ? 132 UNK A CA 1 
ATOM 132 C CA . UNK A 1 132 ? -14.882 25.506  -7.635  1.00 0.00 ? 133 UNK A CA 1 
ATOM 133 C CA . UNK A 1 133 ? -14.781 21.759  -6.959  1.00 0.00 ? 134 UNK A CA 1 
ATOM 134 C CA . UNK A 1 134 ? -17.824 19.528  -7.379  1.00 0.00 ? 135 UNK A CA 1 
ATOM 135 C CA . UNK A 1 135 ? -17.507 16.278  -5.386  1.00 0.00 ? 136 UNK A CA 1 
ATOM 136 C CA . UNK A 1 136 ? -20.604 14.207  -6.202  1.00 0.00 ? 137 UNK A CA 1 
ATOM 137 C CA . UNK A 1 137 ? -20.485 11.725  -3.264  1.00 0.00 ? 138 UNK A CA 1 
ATOM 138 C CA . UNK A 1 138 ? -24.222 10.887  -3.351  1.00 0.00 ? 139 UNK A CA 1 
ATOM 139 C CA . UNK A 1 139 ? -24.397 10.374  -7.093  1.00 0.00 ? 140 UNK A CA 1 
ATOM 140 C CA . UNK A 1 140 ? -24.403 6.561   -7.551  1.00 0.00 ? 141 UNK A CA 1 
ATOM 141 C CA . UNK A 1 141 ? -26.491 3.691   -6.039  1.00 0.00 ? 142 UNK A CA 1 
ATOM 142 C CA . UNK A 1 142 ? -26.274 0.645   -3.789  1.00 0.00 ? 143 UNK A CA 1 
ATOM 143 C CA . UNK A 1 143 ? -28.257 -1.576  -6.154  1.00 0.00 ? 144 UNK A CA 1 
ATOM 144 C CA . UNK A 1 144 ? -27.951 -1.860  -9.978  1.00 0.00 ? 145 UNK A CA 1 
ATOM 145 C CA . UNK A 1 145 ? -31.718 -1.402  -10.875 1.00 0.00 ? 146 UNK A CA 1 
ATOM 146 C CA . UNK A 1 146 ? -32.082 1.903   -8.974  1.00 0.00 ? 147 UNK A CA 1 
ATOM 147 C CA . UNK A 1 147 ? -30.771 4.021   -11.805 1.00 0.00 ? 148 UNK A CA 1 
ATOM 148 C CA . UNK A 1 148 ? -31.126 4.440   -15.544 1.00 0.00 ? 149 UNK A CA 1 
ATOM 149 C CA . UNK A 1 149 ? -27.394 4.833   -16.155 1.00 0.00 ? 150 UNK A CA 1 
ATOM 150 C CA . UNK A 1 150 ? -27.642 6.891   -19.368 1.00 0.00 ? 151 UNK A CA 1 
ATOM 151 C CA . UNK A 1 151 ? -30.063 9.375   -17.715 1.00 0.00 ? 152 UNK A CA 1 
ATOM 152 C CA . UNK A 1 152 ? -27.865 9.629   -14.611 1.00 0.00 ? 153 UNK A CA 1 
ATOM 153 C CA . UNK A 1 153 ? -24.989 10.908  -16.964 1.00 0.00 ? 154 UNK A CA 1 
ATOM 154 C CA . UNK A 1 154 ? -27.376 13.233  -18.848 1.00 0.00 ? 155 UNK A CA 1 
ATOM 155 C CA . UNK A 1 155 ? -28.604 14.821  -15.494 1.00 0.00 ? 156 UNK A CA 1 
ATOM 156 C CA . UNK A 1 156 ? -24.958 15.061  -14.291 1.00 0.00 ? 157 UNK A CA 1 
ATOM 157 C CA . UNK A 1 157 ? -23.976 16.944  -17.556 1.00 0.00 ? 158 UNK A CA 1 
ATOM 158 C CA . UNK A 1 158 ? -27.020 19.228  -17.379 1.00 0.00 ? 159 UNK A CA 1 
ATOM 159 C CA . UNK A 1 159 ? -26.006 20.553  -13.906 1.00 0.00 ? 160 UNK A CA 1 
ATOM 160 C CA . UNK A 1 160 ? -22.206 21.005  -14.676 1.00 0.00 ? 161 UNK A CA 1 
ATOM 161 C CA . UNK A 1 161 ? -22.747 22.767  -18.020 1.00 0.00 ? 162 UNK A CA 1 
ATOM 162 C CA . UNK A 1 162 ? -25.530 24.892  -16.376 1.00 0.00 ? 163 UNK A CA 1 
ATOM 163 C CA . UNK A 1 163 ? -22.998 25.747  -13.622 1.00 0.00 ? 164 UNK A CA 1 
ATOM 164 C CA . UNK A 1 164 ? -20.278 26.429  -16.313 1.00 0.00 ? 165 UNK A CA 1 
ATOM 165 C CA . UNK A 1 165 ? -22.575 28.522  -18.546 1.00 0.00 ? 166 UNK A CA 1 
ATOM 166 C CA . UNK A 1 166 ? -23.425 30.752  -15.515 1.00 0.00 ? 167 UNK A CA 1 
ATOM 167 C CA . UNK A 1 167 ? -19.628 31.377  -14.930 1.00 0.00 ? 168 UNK A CA 1 
ATOM 168 C CA . UNK A 1 168 ? -18.977 32.464  -18.557 1.00 0.00 ? 169 UNK A CA 1 
ATOM 169 C CA . UNK A 1 169 ? -22.181 34.529  -18.684 1.00 0.00 ? 170 UNK A CA 1 
ATOM 170 C CA . UNK A 1 170 ? -21.409 36.202  -15.333 1.00 0.00 ? 171 UNK A CA 1 
ATOM 171 C CA . UNK A 1 171 ? -17.725 36.990  -16.196 1.00 0.00 ? 172 UNK A CA 1 
ATOM 172 C CA . UNK A 1 172 ? -16.312 35.223  -13.140 1.00 0.00 ? 173 UNK A CA 1 
ATOM 173 C CA . UNK A 1 173 ? -12.731 34.042  -13.015 1.00 0.00 ? 174 UNK A CA 1 
ATOM 174 C CA . UNK A 1 174 ? -13.474 30.419  -12.082 1.00 0.00 ? 175 UNK A CA 1 
ATOM 175 C CA . UNK A 1 175 ? -12.902 26.953  -13.445 1.00 0.00 ? 176 UNK A CA 1 
ATOM 176 C CA . UNK A 1 176 ? -14.851 23.901  -12.185 1.00 0.00 ? 177 UNK A CA 1 
ATOM 177 C CA . UNK A 1 177 ? -12.978 20.817  -11.019 1.00 0.00 ? 178 UNK A CA 1 
ATOM 178 C CA . UNK A 1 178 ? -14.672 17.447  -10.735 1.00 0.00 ? 179 UNK A CA 1 
ATOM 179 C CA . UNK A 1 179 ? -13.676 15.037  -8.015  1.00 0.00 ? 180 UNK A CA 1 
ATOM 180 C CA . UNK A 1 180 ? -13.899 11.264  -8.519  1.00 0.00 ? 181 UNK A CA 1 
ATOM 181 C CA . UNK A 1 181 ? -14.444 8.685   -5.779  1.00 0.00 ? 182 UNK A CA 1 
ATOM 182 C CA . UNK A 1 182 ? -15.187 4.979   -6.485  1.00 0.00 ? 183 UNK A CA 1 
ATOM 183 C CA . UNK A 1 183 ? -17.399 4.367   -3.434  1.00 0.00 ? 184 UNK A CA 1 
ATOM 184 C CA . UNK A 1 184 ? -18.312 5.679   0.052   1.00 0.00 ? 185 UNK A CA 1 
ATOM 185 C CA . UNK A 1 185 ? -20.915 6.822   0.998   1.00 0.00 ? 186 UNK A CA 1 
ATOM 186 C CA . UNK A 1 186 ? -22.725 5.013   -1.785  1.00 0.00 ? 187 UNK A CA 1 
ATOM 187 C CA . UNK A 1 187 ? -21.817 1.553   -2.928  1.00 0.00 ? 188 UNK A CA 1 
ATOM 188 C CA . UNK A 1 188 ? -20.731 2.658   -6.426  1.00 0.00 ? 189 UNK A CA 1 
ATOM 189 C CA . UNK A 1 189 ? -20.299 6.395   -7.285  1.00 0.00 ? 190 UNK A CA 1 
ATOM 190 C CA . UNK A 1 190 ? -20.778 7.848   -10.768 1.00 0.00 ? 191 UNK A CA 1 
ATOM 191 C CA . UNK A 1 191 ? -17.575 8.767   -12.442 1.00 0.00 ? 192 UNK A CA 1 
ATOM 192 C CA . UNK A 1 192 ? -15.432 6.412   -10.335 1.00 0.00 ? 193 UNK A CA 1 
ATOM 193 C CA . UNK A 1 193 ? -11.826 7.343   -11.298 1.00 0.00 ? 194 UNK A CA 1 
ATOM 194 C CA . UNK A 1 194 ? -9.637  10.108  -12.921 1.00 0.00 ? 195 UNK A CA 1 
ATOM 195 C CA . UNK A 1 195 ? -10.258 8.372   -16.313 1.00 0.00 ? 196 UNK A CA 1 
ATOM 196 C CA . UNK A 1 196 ? -14.090 8.457   -15.736 1.00 0.00 ? 197 UNK A CA 1 
ATOM 197 C CA . UNK A 1 197 ? -13.723 12.200  -14.903 1.00 0.00 ? 198 UNK A CA 1 
ATOM 198 C CA . UNK A 1 198 ? -11.553 13.037  -17.992 1.00 0.00 ? 199 UNK A CA 1 
ATOM 199 C CA . UNK A 1 199 ? -14.000 11.069  -20.287 1.00 0.00 ? 200 UNK A CA 1 
ATOM 200 C CA . UNK A 1 200 ? -17.026 12.963  -18.751 1.00 0.00 ? 201 UNK A CA 1 
ATOM 201 C CA . UNK A 1 201 ? -15.636 16.481  -19.384 1.00 0.00 ? 202 UNK A CA 1 
ATOM 202 C CA . UNK A 1 202 ? -15.315 15.705  -23.169 1.00 0.00 ? 203 UNK A CA 1 
ATOM 203 C CA . UNK A 1 203 ? -19.090 15.234  -23.539 1.00 0.00 ? 204 UNK A CA 1 
ATOM 204 C CA . UNK A 1 204 ? -19.819 18.574  -21.894 1.00 0.00 ? 205 UNK A CA 1 
ATOM 205 C CA . UNK A 1 205 ? -20.808 21.643  -23.872 1.00 0.00 ? 206 UNK A CA 1 
ATOM 206 C CA . UNK A 1 206 ? -18.554 23.798  -21.723 1.00 0.00 ? 207 UNK A CA 1 
ATOM 207 C CA . UNK A 1 207 ? -15.680 21.435  -20.983 1.00 0.00 ? 208 UNK A CA 1 
ATOM 208 C CA . UNK A 1 208 ? -13.000 24.240  -21.448 1.00 0.00 ? 209 UNK A CA 1 
ATOM 209 C CA . UNK A 1 209 ? -13.654 25.425  -17.872 1.00 0.00 ? 210 UNK A CA 1 
ATOM 210 C CA . UNK A 1 210 ? -14.005 21.925  -16.320 1.00 0.00 ? 211 UNK A CA 1 
ATOM 211 C CA . UNK A 1 211 ? -11.077 19.732  -15.278 1.00 0.00 ? 212 UNK A CA 1 
ATOM 212 C CA . UNK A 1 212 ? -10.000 17.499  -12.410 1.00 0.00 ? 213 UNK A CA 1 
ATOM 213 C CA . UNK A 1 213 ? -9.599  17.562  -8.625  1.00 0.00 ? 214 UNK A CA 1 
ATOM 214 C CA . UNK A 1 214 ? -8.091  14.082  -7.911  1.00 0.00 ? 215 UNK A CA 1 
ATOM 215 C CA . UNK A 1 215 ? -7.580  12.850  -4.369  1.00 0.00 ? 216 UNK A CA 1 
ATOM 216 C CA . UNK A 1 216 ? -4.679  10.555  -3.416  1.00 0.00 ? 217 UNK A CA 1 
ATOM 217 C CA . UNK A 1 217 ? -6.784  8.216   -1.299  1.00 0.00 ? 218 UNK A CA 1 
ATOM 218 C CA . UNK A 1 218 ? -9.732  8.081   -3.710  1.00 0.00 ? 219 UNK A CA 1 
ATOM 219 C CA . UNK A 1 219 ? -7.551  6.684   -6.496  1.00 0.00 ? 220 UNK A CA 1 
ATOM 220 C CA . UNK A 1 220 ? -6.123  4.077   -4.111  1.00 0.00 ? 221 UNK A CA 1 
ATOM 221 C CA . UNK A 1 221 ? -9.567  2.793   -3.063  1.00 0.00 ? 222 UNK A CA 1 
ATOM 222 C CA . UNK A 1 222 ? -9.844  0.933   -6.421  1.00 0.00 ? 223 UNK A CA 1 
ATOM 223 C CA . UNK A 1 223 ? -6.179  0.132   -6.088  1.00 0.00 ? 224 UNK A CA 1 
ATOM 224 C CA . UNK A 1 224 ? -4.859  2.577   -8.747  1.00 0.00 ? 225 UNK A CA 1 
ATOM 225 C CA . UNK A 1 225 ? -1.481  4.362   -8.899  1.00 0.00 ? 226 UNK A CA 1 
ATOM 226 C CA . UNK A 1 226 ? -2.145  8.006   -7.889  1.00 0.00 ? 227 UNK A CA 1 
ATOM 227 C CA . UNK A 1 227 ? 1.010   9.162   -9.756  1.00 0.00 ? 228 UNK A CA 1 
ATOM 228 C CA . UNK A 1 228 ? -0.117  7.470   -13.082 1.00 0.00 ? 229 UNK A CA 1 
ATOM 229 C CA . UNK A 1 229 ? -3.602  8.936   -12.483 1.00 0.00 ? 230 UNK A CA 1 
ATOM 230 C CA . UNK A 1 230 ? -2.411  12.593  -12.227 1.00 0.00 ? 231 UNK A CA 1 
ATOM 231 C CA . UNK A 1 231 ? 0.059   12.021  -15.113 1.00 0.00 ? 232 UNK A CA 1 
ATOM 232 C CA . UNK A 1 232 ? -2.879  11.353  -17.528 1.00 0.00 ? 233 UNK A CA 1 
ATOM 233 C CA . UNK A 1 233 ? -4.781  14.426  -16.126 1.00 0.00 ? 234 UNK A CA 1 
ATOM 234 C CA . UNK A 1 234 ? -1.648  16.542  -16.599 1.00 0.00 ? 235 UNK A CA 1 
ATOM 235 C CA . UNK A 1 235 ? -1.081  15.239  -20.222 1.00 0.00 ? 236 UNK A CA 1 
ATOM 236 C CA . UNK A 1 236 ? -4.686  16.156  -21.205 1.00 0.00 ? 237 UNK A CA 1 
ATOM 237 C CA . UNK A 1 237 ? -4.120  19.516  -19.514 1.00 0.00 ? 238 UNK A CA 1 
ATOM 238 C CA . UNK A 1 238 ? -6.859  18.957  -16.981 1.00 0.00 ? 239 UNK A CA 1 
ATOM 239 C CA . UNK A 1 239 ? -5.239  18.861  -13.486 1.00 0.00 ? 240 UNK A CA 1 
ATOM 240 C CA . UNK A 1 240 ? -6.751  22.072  -11.969 1.00 0.00 ? 241 UNK A CA 1 
ATOM 241 C CA . UNK A 1 241 ? -6.520  21.233  -8.285  1.00 0.00 ? 242 UNK A CA 1 
ATOM 242 C CA . UNK A 1 242 ? -5.335  18.326  -6.129  1.00 0.00 ? 243 UNK A CA 1 
ATOM 243 C CA . UNK A 1 243 ? -6.498  16.637  -2.914  1.00 0.00 ? 244 UNK A CA 1 
ATOM 244 C CA . UNK A 1 244 ? -3.549  15.147  -0.975  1.00 0.00 ? 245 UNK A CA 1 
ATOM 245 C CA . UNK A 1 245 ? -3.896  12.769  2.025   1.00 0.00 ? 246 UNK A CA 1 
ATOM 246 C CA . UNK A 1 246 ? -3.162  9.149   2.902   1.00 0.00 ? 247 UNK A CA 1 
ATOM 247 C CA . UNK A 1 247 ? -4.737  5.780   2.602   1.00 0.00 ? 248 UNK A CA 1 
ATOM 248 C CA . UNK A 1 248 ? -3.609  2.353   3.600   1.00 0.00 ? 249 UNK A CA 1 
ATOM 249 C CA . UNK A 1 249 ? -5.294  -0.202  1.354   1.00 0.00 ? 250 UNK A CA 1 
ATOM 250 C CA . UNK A 1 250 ? -8.591  -0.983  -0.306  1.00 0.00 ? 251 UNK A CA 1 
ATOM 251 C CA . UNK A 1 251 ? -11.150 -0.170  2.381   1.00 0.00 ? 252 UNK A CA 1 
ATOM 252 C CA . UNK A 1 252 ? -12.980 2.926   3.771   1.00 0.00 ? 253 UNK A CA 1 
ATOM 253 C CA . UNK A 1 253 ? -11.497 6.387   3.026   1.00 0.00 ? 254 UNK A CA 1 
ATOM 254 C CA . UNK A 1 254 ? -9.050  6.877   5.895   1.00 0.00 ? 255 UNK A CA 1 
ATOM 255 C CA . UNK A 1 255 ? -7.928  10.422  5.080   1.00 0.00 ? 256 UNK A CA 1 
ATOM 256 C CA . UNK A 1 256 ? -4.582  10.164  6.893   1.00 0.00 ? 257 UNK A CA 1 
ATOM 257 C CA . UNK A 1 257 ? -1.905  12.816  6.789   1.00 0.00 ? 258 UNK A CA 1 
ATOM 258 C CA . UNK A 1 258 ? -0.104  13.185  3.475   1.00 0.00 ? 259 UNK A CA 1 
ATOM 259 C CA . UNK A 1 259 ? 2.761   10.688  3.536   1.00 0.00 ? 260 UNK A CA 1 
ATOM 260 C CA . UNK A 1 260 ? 1.232   8.573   6.270   1.00 0.00 ? 261 UNK A CA 1 
ATOM 261 C CA . UNK A 1 261 ? -0.203  5.949   3.785   1.00 0.00 ? 262 UNK A CA 1 
ATOM 262 C CA . UNK A 1 262 ? 1.643   4.600   0.708   1.00 0.00 ? 263 UNK A CA 1 
ATOM 263 C CA . UNK A 1 263 ? 5.111   6.299   1.235   1.00 0.00 ? 264 UNK A CA 1 
ATOM 264 C CA . UNK A 1 264 ? 6.775   5.452   -2.102  1.00 0.00 ? 265 UNK A CA 1 
ATOM 265 C CA . UNK A 1 265 ? 3.667   6.583   -4.081  1.00 0.00 ? 266 UNK A CA 1 
ATOM 266 C CA . UNK A 1 266 ? 3.781   9.928   -2.058  1.00 0.00 ? 267 UNK A CA 1 
ATOM 267 C CA . UNK A 1 267 ? 7.521   10.213  -2.887  1.00 0.00 ? 268 UNK A CA 1 
ATOM 268 C CA . UNK A 1 268 ? 6.709   9.760   -6.657  1.00 0.00 ? 269 UNK A CA 1 
ATOM 269 C CA . UNK A 1 269 ? 3.654   12.134  -6.439  1.00 0.00 ? 270 UNK A CA 1 
ATOM 270 C CA . UNK A 1 270 ? 5.927   14.863  -5.017  1.00 0.00 ? 271 UNK A CA 1 
ATOM 271 C CA . UNK A 1 271 ? 8.563   14.026  -7.770  1.00 0.00 ? 272 UNK A CA 1 
ATOM 272 C CA . UNK A 1 272 ? 5.916   14.605  -10.489 1.00 0.00 ? 273 UNK A CA 1 
ATOM 273 C CA . UNK A 1 273 ? 4.451   17.758  -8.873  1.00 0.00 ? 274 UNK A CA 1 
ATOM 274 C CA . UNK A 1 274 ? 7.937   19.269  -8.349  1.00 0.00 ? 275 UNK A CA 1 
ATOM 275 C CA . UNK A 1 275 ? 10.188  17.992  -11.178 1.00 0.00 ? 276 UNK A CA 1 
ATOM 276 C CA . UNK A 1 276 ? 7.394   17.441  -13.790 1.00 0.00 ? 277 UNK A CA 1 
ATOM 277 C CA . UNK A 1 277 ? 8.245   14.815  -16.493 1.00 0.00 ? 278 UNK A CA 1 
ATOM 278 C CA . UNK A 1 278 ? 11.791  13.597  -17.238 1.00 0.00 ? 279 UNK A CA 1 
ATOM 279 C CA . UNK A 1 279 ? 11.509  14.748  -20.929 1.00 0.00 ? 280 UNK A CA 1 
ATOM 280 C CA . UNK A 1 280 ? 9.526   17.986  -20.186 1.00 0.00 ? 281 UNK A CA 1 
ATOM 281 C CA . UNK A 1 281 ? 5.832   18.634  -20.784 1.00 0.00 ? 282 UNK A CA 1 
ATOM 282 C CA . UNK A 1 282 ? 3.224   20.375  -18.570 1.00 0.00 ? 283 UNK A CA 1 
ATOM 283 C CA . UNK A 1 283 ? 3.907   21.107  -14.878 1.00 0.00 ? 284 UNK A CA 1 
ATOM 284 C CA . UNK A 1 284 ? 1.087   21.450  -12.264 1.00 0.00 ? 285 UNK A CA 1 
ATOM 285 C CA . UNK A 1 285 ? 0.918   24.873  -10.683 1.00 0.00 ? 286 UNK A CA 1 
ATOM 286 C CA . UNK A 1 286 ? -2.103  25.154  -8.273  1.00 0.00 ? 287 UNK A CA 1 
ATOM 287 C CA . UNK A 1 287 ? -2.164  24.809  -4.504  1.00 0.00 ? 288 UNK A CA 1 
ATOM 288 C CA . UNK A 1 288 ? -1.041  21.590  -2.876  1.00 0.00 ? 289 UNK A CA 1 
ATOM 289 C CA . UNK A 1 289 ? -4.245  21.002  -0.867  1.00 0.00 ? 290 UNK A CA 1 
ATOM 290 C CA . UNK A 1 290 ? -4.674  18.601  2.015   1.00 0.00 ? 291 UNK A CA 1 
ATOM 291 C CA . UNK A 1 291 ? -8.109  17.008  2.573   1.00 0.00 ? 292 UNK A CA 1 
ATOM 292 C CA . UNK A 1 292 ? -7.311  14.637  5.480   1.00 0.00 ? 293 UNK A CA 1 
ATOM 293 C CA . UNK A 1 293 ? -8.782  14.005  8.923   1.00 0.00 ? 294 UNK A CA 1 
ATOM 294 C CA . UNK A 1 294 ? -6.852  14.195  12.207  1.00 0.00 ? 295 UNK A CA 1 
ATOM 295 C CA . UNK A 1 295 ? -7.413  10.758  13.715  1.00 0.00 ? 296 UNK A CA 1 
ATOM 296 C CA . UNK A 1 296 ? -10.239 10.878  16.295  1.00 0.00 ? 297 UNK A CA 1 
ATOM 297 C CA . UNK A 1 297 ? -7.985  9.487   19.124  1.00 0.00 ? 298 UNK A CA 1 
ATOM 298 C CA . UNK A 1 298 ? -6.087  12.737  19.505  1.00 0.00 ? 299 UNK A CA 1 
ATOM 299 C CA . UNK A 1 299 ? -7.297  15.989  21.090  1.00 0.00 ? 300 UNK A CA 1 
ATOM 300 C CA . UNK A 1 300 ? -6.647  19.625  19.794  1.00 0.00 ? 301 UNK A CA 1 
ATOM 301 C CA . UNK A 1 301 ? -2.836  19.368  20.460  1.00 0.00 ? 302 UNK A CA 1 
ATOM 302 C CA . UNK A 1 302 ? -3.114  16.374  18.140  1.00 0.00 ? 303 UNK A CA 1 
ATOM 303 C CA . UNK A 1 303 ? -5.119  18.411  15.463  1.00 0.00 ? 304 UNK A CA 1 
ATOM 304 C CA . UNK A 1 304 ? -2.434  20.997  14.534  1.00 0.00 ? 305 UNK A CA 1 
ATOM 305 C CA . UNK A 1 305 ? 0.402   18.486  15.032  1.00 0.00 ? 306 UNK A CA 1 
ATOM 306 C CA . UNK A 1 306 ? -0.992  16.549  12.084  1.00 0.00 ? 307 UNK A CA 1 
ATOM 307 C CA . UNK A 1 307 ? -1.489  19.793  9.999   1.00 0.00 ? 308 UNK A CA 1 
ATOM 308 C CA . UNK A 1 308 ? 2.157   20.788  10.795  1.00 0.00 ? 309 UNK A CA 1 
ATOM 309 C CA . UNK A 1 309 ? 3.022   17.225  9.595   1.00 0.00 ? 310 UNK A CA 1 
ATOM 310 C CA . UNK A 1 310 ? 1.219   17.396  6.111   1.00 0.00 ? 311 UNK A CA 1 
ATOM 311 C CA . UNK A 1 311 ? 3.492   20.339  5.113   1.00 0.00 ? 312 UNK A CA 1 
ATOM 312 C CA . UNK A 1 312 ? 6.362   18.592  6.953   1.00 0.00 ? 313 UNK A CA 1 
ATOM 313 C CA . UNK A 1 313 ? 6.095   15.342  4.921   1.00 0.00 ? 314 UNK A CA 1 
ATOM 314 C CA . UNK A 1 314 ? 5.369   17.300  1.688   1.00 0.00 ? 315 UNK A CA 1 
ATOM 315 C CA . UNK A 1 315 ? 8.675   19.310  2.039   1.00 0.00 ? 316 UNK A CA 1 
ATOM 316 C CA . UNK A 1 316 ? 10.606  16.371  3.614   1.00 0.00 ? 317 UNK A CA 1 
ATOM 317 C CA . UNK A 1 317 ? 9.716   14.298  0.497   1.00 0.00 ? 318 UNK A CA 1 
ATOM 318 C CA . UNK A 1 318 ? 10.460  17.358  -1.750  1.00 0.00 ? 319 UNK A CA 1 
ATOM 319 C CA . UNK A 1 319 ? 13.975  17.847  -0.517  1.00 0.00 ? 320 UNK A CA 1 
ATOM 320 C CA . UNK A 1 320 ? 14.968  14.210  -1.252  1.00 0.00 ? 321 UNK A CA 1 
ATOM 321 C CA . UNK A 1 321 ? 12.948  14.236  -4.521  1.00 0.00 ? 322 UNK A CA 1 
ATOM 322 C CA . UNK A 1 322 ? 15.061  17.174  -5.585  1.00 0.00 ? 323 UNK A CA 1 
ATOM 323 C CA . UNK A 1 323 ? 18.316  15.355  -4.826  1.00 0.00 ? 324 UNK A CA 1 
ATOM 324 C CA . UNK A 1 324 ? 17.120  12.396  -6.891  1.00 0.00 ? 325 UNK A CA 1 
ATOM 325 C CA . UNK A 1 325 ? 17.446  14.234  -10.305 1.00 0.00 ? 326 UNK A CA 1 
ATOM 326 C CA . UNK A 1 326 ? 20.539  16.305  -9.556  1.00 0.00 ? 327 UNK A CA 1 
ATOM 327 C CA . UNK A 1 327 ? 22.231  13.029  -8.596  1.00 0.00 ? 328 UNK A CA 1 
ATOM 328 C CA . UNK A 1 328 ? 24.166  11.908  -11.691 1.00 0.00 ? 329 UNK A CA 1 
ATOM 329 C CA . UNK A 1 329 ? 24.328  8.201   -10.444 1.00 0.00 ? 330 UNK A CA 1 
ATOM 330 C CA . UNK A 1 330 ? 20.475  8.336   -10.922 1.00 0.00 ? 331 UNK A CA 1 
ATOM 331 C CA . UNK A 1 331 ? 20.941  10.273  -14.177 1.00 0.00 ? 332 UNK A CA 1 
ATOM 332 C CA . UNK A 1 332 ? 23.058  7.470   -15.865 1.00 0.00 ? 333 UNK A CA 1 
ATOM 333 C CA . UNK A 1 333 ? 20.537  4.955   -14.565 1.00 0.00 ? 334 UNK A CA 1 
ATOM 334 C CA . UNK A 1 334 ? 17.685  6.881   -16.330 1.00 0.00 ? 335 UNK A CA 1 
ATOM 335 C CA . UNK A 1 335 ? 19.513  6.813   -19.714 1.00 0.00 ? 336 UNK A CA 1 
ATOM 336 C CA . UNK A 1 336 ? 20.519  3.116   -19.368 1.00 0.00 ? 337 UNK A CA 1 
ATOM 337 C CA . UNK A 1 337 ? 16.892  2.140   -18.574 1.00 0.00 ? 338 UNK A CA 1 
ATOM 338 C CA . UNK A 1 338 ? 15.514  4.074   -21.558 1.00 0.00 ? 339 UNK A CA 1 
ATOM 339 C CA . UNK A 1 339 ? 13.553  6.834   -19.777 1.00 0.00 ? 340 UNK A CA 1 
ATOM 340 C CA . UNK A 1 340 ? 15.014  9.449   -22.143 1.00 0.00 ? 341 UNK A CA 1 
ATOM 341 C CA . UNK A 1 341 ? 14.599  7.057   -25.113 1.00 0.00 ? 342 UNK A CA 1 
ATOM 342 C CA . UNK A 1 342 ? 10.809  7.024   -24.522 1.00 0.00 ? 343 UNK A CA 1 
ATOM 343 C CA . UNK A 1 343 ? 10.476  10.711  -25.564 1.00 0.00 ? 344 UNK A CA 1 
ATOM 344 C CA . UNK A 1 344 ? 11.871  10.292  -29.077 1.00 0.00 ? 345 UNK A CA 1 
ATOM 345 C CA . UNK A 1 345 ? 9.090   9.673   -31.579 1.00 0.00 ? 346 UNK A CA 1 
ATOM 346 C CA . UNK A 1 346 ? 8.855   6.056   -32.781 1.00 0.00 ? 347 UNK A CA 1 
ATOM 347 C CA . UNK A 1 347 ? 8.448   7.124   -36.389 1.00 0.00 ? 348 UNK A CA 1 
ATOM 348 C CA . UNK A 1 348 ? 11.132  9.194   -38.198 1.00 0.00 ? 349 UNK A CA 1 
ATOM 349 C CA . UNK A 1 349 ? 10.023  12.712  -39.148 1.00 0.00 ? 350 UNK A CA 1 
ATOM 350 C CA . UNK A 1 350 ? 7.794   12.409  -42.186 1.00 0.00 ? 351 UNK A CA 1 
ATOM 351 C CA . UNK A 1 351 ? 7.709   8.535   -42.453 1.00 0.00 ? 352 UNK A CA 1 
ATOM 352 C CA . UNK A 1 352 ? 4.214   6.968   -42.961 1.00 0.00 ? 353 UNK A CA 1 
ATOM 353 C CA . UNK A 1 353 ? 2.562   3.619   -42.065 1.00 0.00 ? 354 UNK A CA 1 
ATOM 354 C CA . UNK A 1 354 ? 3.456   2.164   -45.527 1.00 0.00 ? 355 UNK A CA 1 
ATOM 355 C CA . UNK A 1 355 ? 7.122   3.250   -45.237 1.00 0.00 ? 356 UNK A CA 1 
ATOM 356 C CA . UNK A 1 356 ? 7.419   1.470   -41.788 1.00 0.00 ? 357 UNK A CA 1 
ATOM 357 C CA . UNK A 1 357 ? 5.852   -1.922  -42.776 1.00 0.00 ? 358 UNK A CA 1 
ATOM 358 C CA . UNK A 1 358 ? 8.127   -1.711  -45.830 1.00 0.00 ? 359 UNK A CA 1 
ATOM 359 C CA . UNK A 1 359 ? 11.276  -0.898  -43.791 1.00 0.00 ? 360 UNK A CA 1 
ATOM 360 C CA . UNK A 1 360 ? 13.001  -4.300  -43.879 1.00 0.00 ? 361 UNK A CA 1 
ATOM 361 C CA . UNK A 1 361 ? 15.109  -3.687  -40.818 1.00 0.00 ? 362 UNK A CA 1 
ATOM 362 C CA . UNK A 1 362 ? 12.213  -2.786  -38.471 1.00 0.00 ? 363 UNK A CA 1 
ATOM 363 C CA . UNK A 1 363 ? 10.090  -5.918  -39.129 1.00 0.00 ? 364 UNK A CA 1 
ATOM 364 C CA . UNK A 1 364 ? 11.045  -8.569  -41.753 1.00 0.00 ? 365 UNK A CA 1 
ATOM 365 C CA . UNK A 1 365 ? 14.717  -8.442  -40.853 1.00 0.00 ? 366 UNK A CA 1 
ATOM 366 C CA . UNK A 1 366 ? 14.474  -7.392  -37.209 1.00 0.00 ? 367 UNK A CA 1 
ATOM 367 C CA . UNK A 1 367 ? 16.379  -9.459  -34.629 1.00 0.00 ? 368 UNK A CA 1 
ATOM 368 C CA . UNK A 1 368 ? 13.651  -9.903  -31.990 1.00 0.00 ? 369 UNK A CA 1 
ATOM 369 C CA . UNK A 1 369 ? 15.651  -12.458 -29.902 1.00 0.00 ? 370 UNK A CA 1 
ATOM 370 C CA . UNK A 1 370 ? 18.634  -10.043 -29.911 1.00 0.00 ? 371 UNK A CA 1 
ATOM 371 C CA . UNK A 1 371 ? 16.466  -6.954  -28.979 1.00 0.00 ? 372 UNK A CA 1 
ATOM 372 C CA . UNK A 1 372 ? 15.040  -9.067  -26.117 1.00 0.00 ? 373 UNK A CA 1 
ATOM 373 C CA . UNK A 1 373 ? 18.503  -9.278  -24.346 1.00 0.00 ? 374 UNK A CA 1 
ATOM 374 C CA . UNK A 1 374 ? 18.538  -5.612  -23.174 1.00 0.00 ? 375 UNK A CA 1 
ATOM 375 C CA . UNK A 1 375 ? 18.723  -5.504  -19.389 1.00 0.00 ? 376 UNK A CA 1 
ATOM 376 C CA . UNK A 1 376 ? 16.305  -2.654  -18.660 1.00 0.00 ? 377 UNK A CA 1 
ATOM 377 C CA . UNK A 1 377 ? 17.762  -2.278  -15.106 1.00 0.00 ? 378 UNK A CA 1 
ATOM 378 C CA . UNK A 1 378 ? 14.567  -1.088  -13.480 1.00 0.00 ? 379 UNK A CA 1 
ATOM 379 C CA . UNK A 1 379 ? 15.168  -2.914  -10.112 1.00 0.00 ? 380 UNK A CA 1 
ATOM 380 C CA . UNK A 1 380 ? 18.368  -0.896  -9.609  1.00 0.00 ? 381 UNK A CA 1 
ATOM 381 C CA . UNK A 1 381 ? 16.733  2.452   -10.682 1.00 0.00 ? 382 UNK A CA 1 
ATOM 382 C CA . UNK A 1 382 ? 14.047  1.659   -8.046  1.00 0.00 ? 383 UNK A CA 1 
ATOM 383 C CA . UNK A 1 383 ? 16.853  0.802   -5.581  1.00 0.00 ? 384 UNK A CA 1 
ATOM 384 C CA . UNK A 1 384 ? 18.409  4.209   -6.342  1.00 0.00 ? 385 UNK A CA 1 
ATOM 385 C CA . UNK A 1 385 ? 14.818  5.695   -6.001  1.00 0.00 ? 386 UNK A CA 1 
ATOM 386 C CA . UNK A 1 386 ? 14.074  4.011   -2.665  1.00 0.00 ? 387 UNK A CA 1 
ATOM 387 C CA . UNK A 1 387 ? 17.648  4.602   -1.384  1.00 0.00 ? 388 UNK A CA 1 
ATOM 388 C CA . UNK A 1 388 ? 17.192  8.400   -2.100  1.00 0.00 ? 389 UNK A CA 1 
ATOM 389 C CA . UNK A 1 389 ? 13.836  8.444   -0.265  1.00 0.00 ? 390 UNK A CA 1 
ATOM 390 C CA . UNK A 1 390 ? 15.483  6.778   2.825   1.00 0.00 ? 391 UNK A CA 1 
ATOM 391 C CA . UNK A 1 391 ? 18.390  9.310   2.771   1.00 0.00 ? 392 UNK A CA 1 
ATOM 392 C CA . UNK A 1 392 ? 21.168  6.698   2.705   1.00 0.00 ? 393 UNK A CA 1 
ATOM 393 C CA . UNK A 1 393 ? 21.439  8.034   -0.871  1.00 0.00 ? 394 UNK A CA 1 
ATOM 394 C CA . UNK B 1 1   ? 25.708  -1.043  4.860   1.00 0.00 ? 2   UNK B CA 1 
ATOM 395 C CA . UNK B 1 2   ? 27.449  -4.378  3.931   1.00 0.00 ? 3   UNK B CA 1 
ATOM 396 C CA . UNK B 1 3   ? 25.978  -7.897  4.353   1.00 0.00 ? 4   UNK B CA 1 
ATOM 397 C CA . UNK B 1 4   ? 28.107  -10.440 6.211   1.00 0.00 ? 5   UNK B CA 1 
ATOM 398 C CA . UNK B 1 5   ? 26.976  -14.077 6.904   1.00 0.00 ? 6   UNK B CA 1 
ATOM 399 C CA . UNK B 1 6   ? 25.982  -13.432 10.582  1.00 0.00 ? 7   UNK B CA 1 
ATOM 400 C CA . UNK B 1 7   ? 22.949  -11.511 9.241   1.00 0.00 ? 8   UNK B CA 1 
ATOM 401 C CA . UNK B 1 8   ? 21.371  -14.836 8.360   1.00 0.00 ? 9   UNK B CA 1 
ATOM 402 C CA . UNK B 1 9   ? 19.949  -13.854 5.029   1.00 0.00 ? 10  UNK B CA 1 
ATOM 403 C CA . UNK B 1 10  ? 19.040  -17.037 3.076   1.00 0.00 ? 11  UNK B CA 1 
ATOM 404 C CA . UNK B 1 11  ? 17.526  -17.036 -0.539  1.00 0.00 ? 12  UNK B CA 1 
ATOM 405 C CA . UNK B 1 12  ? 15.525  -19.579 -2.503  1.00 0.00 ? 13  UNK B CA 1 
ATOM 406 C CA . UNK B 1 13  ? 17.074  -21.200 -5.594  1.00 0.00 ? 14  UNK B CA 1 
ATOM 407 C CA . UNK B 1 14  ? 13.814  -20.405 -7.431  1.00 0.00 ? 15  UNK B CA 1 
ATOM 408 C CA . UNK B 1 15  ? 14.127  -16.654 -6.557  1.00 0.00 ? 16  UNK B CA 1 
ATOM 409 C CA . UNK B 1 16  ? 17.360  -15.697 -8.472  1.00 0.00 ? 17  UNK B CA 1 
ATOM 410 C CA . UNK B 1 17  ? 16.740  -18.647 -10.865 1.00 0.00 ? 18  UNK B CA 1 
ATOM 411 C CA . UNK B 1 18  ? 13.227  -17.502 -11.912 1.00 0.00 ? 19  UNK B CA 1 
ATOM 412 C CA . UNK B 1 19  ? 13.507  -16.962 -15.642 1.00 0.00 ? 20  UNK B CA 1 
ATOM 413 C CA . UNK B 1 20  ? 10.368  -14.993 -16.173 1.00 0.00 ? 21  UNK B CA 1 
ATOM 414 C CA . UNK B 1 21  ? 7.471   -17.011 -17.397 1.00 0.00 ? 22  UNK B CA 1 
ATOM 415 C CA . UNK B 1 22  ? 4.351   -15.293 -16.023 1.00 0.00 ? 23  UNK B CA 1 
ATOM 416 C CA . UNK B 1 23  ? 0.730   -15.925 -17.202 1.00 0.00 ? 24  UNK B CA 1 
ATOM 417 C CA . UNK B 1 24  ? 1.086   -13.872 -20.440 1.00 0.00 ? 25  UNK B CA 1 
ATOM 418 C CA . UNK B 1 25  ? 4.646   -14.759 -21.599 1.00 0.00 ? 26  UNK B CA 1 
ATOM 419 C CA . UNK B 1 26  ? 7.759   -16.809 -21.857 1.00 0.00 ? 27  UNK B CA 1 
ATOM 420 C CA . UNK B 1 27  ? 10.994  -16.837 -19.892 1.00 0.00 ? 28  UNK B CA 1 
ATOM 421 C CA . UNK B 1 28  ? 13.291  -13.917 -20.745 1.00 0.00 ? 29  UNK B CA 1 
ATOM 422 C CA . UNK B 1 29  ? 16.379  -15.299 -18.985 1.00 0.00 ? 30  UNK B CA 1 
ATOM 423 C CA . UNK B 1 30  ? 18.557  -18.428 -19.364 1.00 0.00 ? 31  UNK B CA 1 
ATOM 424 C CA . UNK B 1 31  ? 18.166  -21.189 -16.711 1.00 0.00 ? 32  UNK B CA 1 
ATOM 425 C CA . UNK B 1 32  ? 20.366  -20.761 -13.654 1.00 0.00 ? 33  UNK B CA 1 
ATOM 426 C CA . UNK B 1 33  ? 22.907  -23.418 -12.721 1.00 0.00 ? 34  UNK B CA 1 
ATOM 427 C CA . UNK B 1 34  ? 22.687  -24.296 -9.040  1.00 0.00 ? 35  UNK B CA 1 
ATOM 428 C CA . UNK B 1 35  ? 26.496  -24.481 -8.597  1.00 0.00 ? 36  UNK B CA 1 
ATOM 429 C CA . UNK B 1 36  ? 26.689  -20.923 -10.048 1.00 0.00 ? 37  UNK B CA 1 
ATOM 430 C CA . UNK B 1 37  ? 23.736  -19.891 -7.817  1.00 0.00 ? 38  UNK B CA 1 
ATOM 431 C CA . UNK B 1 38  ? 25.646  -21.143 -4.722  1.00 0.00 ? 39  UNK B CA 1 
ATOM 432 C CA . UNK B 1 39  ? 28.872  -19.283 -5.755  1.00 0.00 ? 40  UNK B CA 1 
ATOM 433 C CA . UNK B 1 40  ? 27.162  -15.952 -6.429  1.00 0.00 ? 41  UNK B CA 1 
ATOM 434 C CA . UNK B 1 41  ? 24.916  -16.219 -3.298  1.00 0.00 ? 42  UNK B CA 1 
ATOM 435 C CA . UNK B 1 42  ? 28.018  -16.658 -1.005  1.00 0.00 ? 43  UNK B CA 1 
ATOM 436 C CA . UNK B 1 43  ? 30.046  -13.838 -2.739  1.00 0.00 ? 44  UNK B CA 1 
ATOM 437 C CA . UNK B 1 44  ? 27.314  -11.270 -2.015  1.00 0.00 ? 45  UNK B CA 1 
ATOM 438 C CA . UNK B 1 45  ? 26.992  -11.945 1.740   1.00 0.00 ? 46  UNK B CA 1 
ATOM 439 C CA . UNK B 1 46  ? 24.428  -14.764 2.156   1.00 0.00 ? 47  UNK B CA 1 
ATOM 440 C CA . UNK B 1 47  ? 24.586  -17.347 4.911   1.00 0.00 ? 48  UNK B CA 1 
ATOM 441 C CA . UNK B 1 48  ? 22.423  -20.073 3.384   1.00 0.00 ? 49  UNK B CA 1 
ATOM 442 C CA . UNK B 1 49  ? 20.372  -21.202 0.414   1.00 0.00 ? 50  UNK B CA 1 
ATOM 443 C CA . UNK B 1 50  ? 16.964  -23.000 0.327   1.00 0.00 ? 51  UNK B CA 1 
ATOM 444 C CA . UNK B 1 51  ? 15.380  -25.165 -2.320  1.00 0.00 ? 52  UNK B CA 1 
ATOM 445 C CA . UNK B 1 52  ? 12.356  -27.053 -3.515  1.00 0.00 ? 53  UNK B CA 1 
ATOM 446 C CA . UNK B 1 53  ? 13.185  -30.737 -4.408  1.00 0.00 ? 54  UNK B CA 1 
ATOM 447 C CA . UNK B 1 54  ? 12.593  -30.282 -8.220  1.00 0.00 ? 55  UNK B CA 1 
ATOM 448 C CA . UNK B 1 55  ? 14.390  -26.949 -8.157  1.00 0.00 ? 56  UNK B CA 1 
ATOM 449 C CA . UNK B 1 56  ? 17.556  -29.076 -7.955  1.00 0.00 ? 57  UNK B CA 1 
ATOM 450 C CA . UNK B 1 57  ? 16.535  -32.593 -8.850  1.00 0.00 ? 58  UNK B CA 1 
ATOM 451 C CA . UNK B 1 58  ? 14.343  -33.024 -11.917 1.00 0.00 ? 59  UNK B CA 1 
ATOM 452 C CA . UNK B 1 59  ? 10.983  -34.748 -11.528 1.00 0.00 ? 60  UNK B CA 1 
ATOM 453 C CA . UNK B 1 60  ? 12.091  -37.306 -14.172 1.00 0.00 ? 61  UNK B CA 1 
ATOM 454 C CA . UNK B 1 61  ? 15.591  -37.839 -12.643 1.00 0.00 ? 62  UNK B CA 1 
ATOM 455 C CA . UNK B 1 62  ? 16.973  -41.355 -12.130 1.00 0.00 ? 63  UNK B CA 1 
ATOM 456 C CA . UNK B 1 63  ? 18.945  -42.212 -8.948  1.00 0.00 ? 64  UNK B CA 1 
ATOM 457 C CA . UNK B 1 64  ? 22.288  -42.041 -10.770 1.00 0.00 ? 65  UNK B CA 1 
ATOM 458 C CA . UNK B 1 65  ? 21.463  -38.509 -12.046 1.00 0.00 ? 66  UNK B CA 1 
ATOM 459 C CA . UNK B 1 66  ? 19.937  -37.566 -8.666  1.00 0.00 ? 67  UNK B CA 1 
ATOM 460 C CA . UNK B 1 67  ? 23.244  -38.676 -7.062  1.00 0.00 ? 68  UNK B CA 1 
ATOM 461 C CA . UNK B 1 68  ? 25.322  -36.752 -9.686  1.00 0.00 ? 69  UNK B CA 1 
ATOM 462 C CA . UNK B 1 69  ? 23.467  -33.415 -8.981  1.00 0.00 ? 70  UNK B CA 1 
ATOM 463 C CA . UNK B 1 70  ? 23.603  -33.876 -5.180  1.00 0.00 ? 71  UNK B CA 1 
ATOM 464 C CA . UNK B 1 71  ? 27.375  -34.476 -5.358  1.00 0.00 ? 72  UNK B CA 1 
ATOM 465 C CA . UNK B 1 72  ? 28.124  -31.156 -7.194  1.00 0.00 ? 73  UNK B CA 1 
ATOM 466 C CA . UNK B 1 73  ? 25.562  -29.295 -5.106  1.00 0.00 ? 74  UNK B CA 1 
ATOM 467 C CA . UNK B 1 74  ? 27.212  -30.642 -1.917  1.00 0.00 ? 75  UNK B CA 1 
ATOM 468 C CA . UNK B 1 75  ? 30.713  -29.648 -3.150  1.00 0.00 ? 76  UNK B CA 1 
ATOM 469 C CA . UNK B 1 76  ? 29.455  -26.067 -3.796  1.00 0.00 ? 77  UNK B CA 1 
ATOM 470 C CA . UNK B 1 77  ? 28.168  -25.708 -0.218  1.00 0.00 ? 78  UNK B CA 1 
ATOM 471 C CA . UNK B 1 78  ? 31.568  -26.942 1.081   1.00 0.00 ? 79  UNK B CA 1 
ATOM 472 C CA . UNK B 1 79  ? 33.535  -24.545 -1.217  1.00 0.00 ? 80  UNK B CA 1 
ATOM 473 C CA . UNK B 1 80  ? 31.404  -21.513 -0.260  1.00 0.00 ? 81  UNK B CA 1 
ATOM 474 C CA . UNK B 1 81  ? 30.406  -22.489 3.251   1.00 0.00 ? 82  UNK B CA 1 
ATOM 475 C CA . UNK B 1 82  ? 26.677  -21.774 2.817   1.00 0.00 ? 83  UNK B CA 1 
ATOM 476 C CA . UNK B 1 83  ? 24.196  -23.472 5.152   1.00 0.00 ? 84  UNK B CA 1 
ATOM 477 C CA . UNK B 1 84  ? 20.895  -24.968 3.722   1.00 0.00 ? 85  UNK B CA 1 
ATOM 478 C CA . UNK B 1 85  ? 18.466  -23.930 6.542   1.00 0.00 ? 86  UNK B CA 1 
ATOM 479 C CA . UNK B 1 86  ? 15.083  -24.820 4.940   1.00 0.00 ? 87  UNK B CA 1 
ATOM 480 C CA . UNK B 1 87  ? 14.009  -27.362 2.349   1.00 0.00 ? 88  UNK B CA 1 
ATOM 481 C CA . UNK B 1 88  ? 10.561  -27.506 0.684   1.00 0.00 ? 89  UNK B CA 1 
ATOM 482 C CA . UNK B 1 89  ? 8.721   -29.762 -1.838  1.00 0.00 ? 90  UNK B CA 1 
ATOM 483 C CA . UNK B 1 90  ? 7.125   -28.924 -5.181  1.00 0.00 ? 91  UNK B CA 1 
ATOM 484 C CA . UNK B 1 91  ? 3.412   -29.886 -4.878  1.00 0.00 ? 92  UNK B CA 1 
ATOM 485 C CA . UNK B 1 92  ? 2.161   -27.581 -7.671  1.00 0.00 ? 93  UNK B CA 1 
ATOM 486 C CA . UNK B 1 93  ? 3.904   -27.474 -11.112 1.00 0.00 ? 94  UNK B CA 1 
ATOM 487 C CA . UNK B 1 94  ? 3.445   -30.922 -12.559 1.00 0.00 ? 95  UNK B CA 1 
ATOM 488 C CA . UNK B 1 95  ? -0.068  -31.410 -13.981 1.00 0.00 ? 96  UNK B CA 1 
ATOM 489 C CA . UNK B 1 96  ? -0.744  -34.246 -11.388 1.00 0.00 ? 97  UNK B CA 1 
ATOM 490 C CA . UNK B 1 97  ? -1.236  -31.645 -8.613  1.00 0.00 ? 98  UNK B CA 1 
ATOM 491 C CA . UNK B 1 98  ? -3.954  -29.748 -10.578 1.00 0.00 ? 99  UNK B CA 1 
ATOM 492 C CA . UNK B 1 99  ? -6.506  -30.371 -7.719  1.00 0.00 ? 100 UNK B CA 1 
ATOM 493 C CA . UNK B 1 100 ? -3.786  -30.310 -4.993  1.00 0.00 ? 101 UNK B CA 1 
ATOM 494 C CA . UNK B 1 101 ? -1.219  -32.502 -3.362  1.00 0.00 ? 102 UNK B CA 1 
ATOM 495 C CA . UNK B 1 102 ? -2.618  -33.323 0.153   1.00 0.00 ? 103 UNK B CA 1 
ATOM 496 C CA . UNK B 1 103 ? -6.263  -32.328 -0.576  1.00 0.00 ? 104 UNK B CA 1 
ATOM 497 C CA . UNK B 1 104 ? -6.498  -33.696 -4.193  1.00 0.00 ? 105 UNK B CA 1 
ATOM 498 C CA . UNK B 1 105 ? -9.985  -35.281 -4.692  1.00 0.00 ? 106 UNK B CA 1 
ATOM 499 C CA . UNK B 1 106 ? -8.138  -38.362 -6.185  1.00 0.00 ? 107 UNK B CA 1 
ATOM 500 C CA . UNK B 1 107 ? -6.898  -40.681 -3.349  1.00 0.00 ? 108 UNK B CA 1 
ATOM 501 C CA . UNK B 1 108 ? -4.043  -41.960 -5.478  1.00 0.00 ? 109 UNK B CA 1 
ATOM 502 C CA . UNK B 1 109 ? -2.600  -38.411 -5.975  1.00 0.00 ? 110 UNK B CA 1 
ATOM 503 C CA . UNK B 1 110 ? -2.993  -37.808 -2.214  1.00 0.00 ? 111 UNK B CA 1 
ATOM 504 C CA . UNK B 1 111 ? -0.730  -40.853 -1.571  1.00 0.00 ? 112 UNK B CA 1 
ATOM 505 C CA . UNK B 1 112 ? 1.721   -39.823 -4.360  1.00 0.00 ? 113 UNK B CA 1 
ATOM 506 C CA . UNK B 1 113 ? 1.958   -36.270 -2.918  1.00 0.00 ? 114 UNK B CA 1 
ATOM 507 C CA . UNK B 1 114 ? 2.428   -37.652 0.713   1.00 0.00 ? 115 UNK B CA 1 
ATOM 508 C CA . UNK B 1 115 ? 5.138   -40.144 -0.554  1.00 0.00 ? 116 UNK B CA 1 
ATOM 509 C CA . UNK B 1 116 ? 6.936   -37.167 -2.231  1.00 0.00 ? 117 UNK B CA 1 
ATOM 510 C CA . UNK B 1 117 ? 6.869   -35.208 1.063   1.00 0.00 ? 118 UNK B CA 1 
ATOM 511 C CA . UNK B 1 118 ? 8.236   -38.028 3.179   1.00 0.00 ? 119 UNK B CA 1 
ATOM 512 C CA . UNK B 1 119 ? 11.136  -38.670 0.851   1.00 0.00 ? 120 UNK B CA 1 
ATOM 513 C CA . UNK B 1 120 ? 11.997  -34.992 0.874   1.00 0.00 ? 121 UNK B CA 1 
ATOM 514 C CA . UNK B 1 121 ? 12.003  -35.117 4.689   1.00 0.00 ? 122 UNK B CA 1 
ATOM 515 C CA . UNK B 1 122 ? 14.911  -37.553 4.412   1.00 0.00 ? 123 UNK B CA 1 
ATOM 516 C CA . UNK B 1 123 ? 16.774  -35.163 2.053   1.00 0.00 ? 124 UNK B CA 1 
ATOM 517 C CA . UNK B 1 124 ? 15.962  -32.262 4.445   1.00 0.00 ? 125 UNK B CA 1 
ATOM 518 C CA . UNK B 1 125 ? 17.550  -34.183 7.376   1.00 0.00 ? 126 UNK B CA 1 
ATOM 519 C CA . UNK B 1 126 ? 20.678  -35.047 5.251   1.00 0.00 ? 127 UNK B CA 1 
ATOM 520 C CA . UNK B 1 127 ? 21.288  -31.398 4.162   1.00 0.00 ? 128 UNK B CA 1 
ATOM 521 C CA . UNK B 1 128 ? 21.053  -30.177 7.832   1.00 0.00 ? 129 UNK B CA 1 
ATOM 522 C CA . UNK B 1 129 ? 17.890  -27.988 7.169   1.00 0.00 ? 130 UNK B CA 1 
ATOM 523 C CA . UNK B 1 130 ? 16.168  -27.094 10.520  1.00 0.00 ? 131 UNK B CA 1 
ATOM 524 C CA . UNK B 1 131 ? 12.769  -26.322 9.042   1.00 0.00 ? 132 UNK B CA 1 
ATOM 525 C CA . UNK B 1 132 ? 10.707  -28.097 6.377   1.00 0.00 ? 133 UNK B CA 1 
ATOM 526 C CA . UNK B 1 133 ? 8.274   -25.612 4.723   1.00 0.00 ? 134 UNK B CA 1 
ATOM 527 C CA . UNK B 1 134 ? 4.922   -26.601 3.242   1.00 0.00 ? 135 UNK B CA 1 
ATOM 528 C CA . UNK B 1 135 ? 3.150   -24.227 0.828   1.00 0.00 ? 136 UNK B CA 1 
ATOM 529 C CA . UNK B 1 136 ? -0.228  -25.719 -0.246  1.00 0.00 ? 137 UNK B CA 1 
ATOM 530 C CA . UNK B 1 137 ? -0.529  -23.783 -3.435  1.00 0.00 ? 138 UNK B CA 1 
ATOM 531 C CA . UNK B 1 138 ? -2.919  -26.094 -5.166  1.00 0.00 ? 139 UNK B CA 1 
ATOM 532 C CA . UNK B 1 139 ? -4.941  -26.810 -2.009  1.00 0.00 ? 140 UNK B CA 1 
ATOM 533 C CA . UNK B 1 140 ? -8.173  -24.889 -2.659  1.00 0.00 ? 141 UNK B CA 1 
ATOM 534 C CA . UNK B 1 141 ? -10.872 -24.408 -5.312  1.00 0.00 ? 142 UNK B CA 1 
ATOM 535 C CA . UNK B 1 142 ? -12.204 -22.083 -8.029  1.00 0.00 ? 143 UNK B CA 1 
ATOM 536 C CA . UNK B 1 143 ? -15.874 -23.009 -7.331  1.00 0.00 ? 144 UNK B CA 1 
ATOM 537 C CA . UNK B 1 144 ? -17.578 -23.488 -3.939  1.00 0.00 ? 145 UNK B CA 1 
ATOM 538 C CA . UNK B 1 145 ? -19.032 -26.977 -4.735  1.00 0.00 ? 146 UNK B CA 1 
ATOM 539 C CA . UNK B 1 146 ? -15.759 -28.657 -5.881  1.00 0.00 ? 147 UNK B CA 1 
ATOM 540 C CA . UNK B 1 147 ? -14.927 -29.904 -2.415  1.00 0.00 ? 148 UNK B CA 1 
ATOM 541 C CA . UNK B 1 148 ? -16.342 -31.084 0.912   1.00 0.00 ? 149 UNK B CA 1 
ATOM 542 C CA . UNK B 1 149 ? -14.622 -28.374 3.000   1.00 0.00 ? 150 UNK B CA 1 
ATOM 543 C CA . UNK B 1 150 ? -14.858 -30.532 6.208   1.00 0.00 ? 151 UNK B CA 1 
ATOM 544 C CA . UNK B 1 151 ? -13.052 -33.382 4.425   1.00 0.00 ? 152 UNK B CA 1 
ATOM 545 C CA . UNK B 1 152 ? -10.467 -31.088 2.742   1.00 0.00 ? 153 UNK B CA 1 
ATOM 546 C CA . UNK B 1 153 ? -9.302  -29.987 6.299   1.00 0.00 ? 154 UNK B CA 1 
ATOM 547 C CA . UNK B 1 154 ? -9.236  -33.722 7.437   1.00 0.00 ? 155 UNK B CA 1 
ATOM 548 C CA . UNK B 1 155 ? -6.988  -34.700 4.461   1.00 0.00 ? 156 UNK B CA 1 
ATOM 549 C CA . UNK B 1 156 ? -4.796  -31.665 5.175   1.00 0.00 ? 157 UNK B CA 1 
ATOM 550 C CA . UNK B 1 157 ? -4.615  -32.827 8.879   1.00 0.00 ? 158 UNK B CA 1 
ATOM 551 C CA . UNK B 1 158 ? -3.672  -36.429 7.836   1.00 0.00 ? 159 UNK B CA 1 
ATOM 552 C CA . UNK B 1 159 ? -0.877  -35.166 5.615   1.00 0.00 ? 160 UNK B CA 1 
ATOM 553 C CA . UNK B 1 160 ? 0.805   -32.889 8.194   1.00 0.00 ? 161 UNK B CA 1 
ATOM 554 C CA . UNK B 1 161 ? 0.261   -35.327 11.112  1.00 0.00 ? 162 UNK B CA 1 
ATOM 555 C CA . UNK B 1 162 ? 1.607   -38.188 9.033   1.00 0.00 ? 163 UNK B CA 1 
ATOM 556 C CA . UNK B 1 163 ? 4.677   -36.161 8.074   1.00 0.00 ? 164 UNK B CA 1 
ATOM 557 C CA . UNK B 1 164 ? 5.368   -34.919 11.695  1.00 0.00 ? 165 UNK B CA 1 
ATOM 558 C CA . UNK B 1 165 ? 4.998   -38.432 13.145  1.00 0.00 ? 166 UNK B CA 1 
ATOM 559 C CA . UNK B 1 166 ? 7.644   -39.492 10.567  1.00 0.00 ? 167 UNK B CA 1 
ATOM 560 C CA . UNK B 1 167 ? 10.016  -36.664 11.738  1.00 0.00 ? 168 UNK B CA 1 
ATOM 561 C CA . UNK B 1 168 ? 9.575   -37.656 15.426  1.00 0.00 ? 169 UNK B CA 1 
ATOM 562 C CA . UNK B 1 169 ? 9.940   -41.351 14.741  1.00 0.00 ? 170 UNK B CA 1 
ATOM 563 C CA . UNK B 1 170 ? 13.184  -40.718 12.785  1.00 0.00 ? 171 UNK B CA 1 
ATOM 564 C CA . UNK B 1 171 ? 14.242  -38.130 15.303  1.00 0.00 ? 172 UNK B CA 1 
ATOM 565 C CA . UNK B 1 172 ? 15.225  -35.648 12.656  1.00 0.00 ? 173 UNK B CA 1 
ATOM 566 C CA . UNK B 1 173 ? 15.791  -32.221 14.196  1.00 0.00 ? 174 UNK B CA 1 
ATOM 567 C CA . UNK B 1 174 ? 13.223  -30.639 11.892  1.00 0.00 ? 175 UNK B CA 1 
ATOM 568 C CA . UNK B 1 175 ? 10.034  -28.612 12.375  1.00 0.00 ? 176 UNK B CA 1 
ATOM 569 C CA . UNK B 1 176 ? 7.286   -27.972 9.867   1.00 0.00 ? 177 UNK B CA 1 
ATOM 570 C CA . UNK B 1 177 ? 6.215   -24.465 8.891   1.00 0.00 ? 178 UNK B CA 1 
ATOM 571 C CA . UNK B 1 178 ? 2.996   -23.967 6.915   1.00 0.00 ? 179 UNK B CA 1 
ATOM 572 C CA . UNK B 1 179 ? 2.729   -21.003 4.481   1.00 0.00 ? 180 UNK B CA 1 
ATOM 573 C CA . UNK B 1 180 ? -0.745  -19.467 4.091   1.00 0.00 ? 181 UNK B CA 1 
ATOM 574 C CA . UNK B 1 181 ? -1.776  -17.809 0.773   1.00 0.00 ? 182 UNK B CA 1 
ATOM 575 C CA . UNK B 1 182 ? -5.178  -16.236 0.049   1.00 0.00 ? 183 UNK B CA 1 
ATOM 576 C CA . UNK B 1 183 ? -5.196  -17.171 -3.650  1.00 0.00 ? 184 UNK B CA 1 
ATOM 577 C CA . UNK B 1 184 ? -3.138  -17.605 -6.874  1.00 0.00 ? 185 UNK B CA 1 
ATOM 578 C CA . UNK B 1 185 ? -2.934  -20.188 -8.322  1.00 0.00 ? 186 UNK B CA 1 
ATOM 579 C CA . UNK B 1 186 ? -6.294  -21.327 -6.931  1.00 0.00 ? 187 UNK B CA 1 
ATOM 580 C CA . UNK B 1 187 ? -9.370  -19.248 -6.682  1.00 0.00 ? 188 UNK B CA 1 
ATOM 581 C CA . UNK B 1 188 ? -9.265  -19.669 -2.924  1.00 0.00 ? 189 UNK B CA 1 
ATOM 582 C CA . UNK B 1 189 ? -6.416  -21.482 -1.180  1.00 0.00 ? 190 UNK B CA 1 
ATOM 583 C CA . UNK B 1 190 ? -7.287  -23.259 2.153   1.00 0.00 ? 191 UNK B CA 1 
ATOM 584 C CA . UNK B 1 191 ? -5.581  -21.747 5.288   1.00 0.00 ? 192 UNK B CA 1 
ATOM 585 C CA . UNK B 1 192 ? -5.574  -18.368 3.456   1.00 0.00 ? 193 UNK B CA 1 
ATOM 586 C CA . UNK B 1 193 ? -3.998  -16.038 6.137   1.00 0.00 ? 194 UNK B CA 1 
ATOM 587 C CA . UNK B 1 194 ? -1.789  -16.283 9.290   1.00 0.00 ? 195 UNK B CA 1 
ATOM 588 C CA . UNK B 1 195 ? -4.889  -16.907 11.467  1.00 0.00 ? 196 UNK B CA 1 
ATOM 589 C CA . UNK B 1 196 ? -6.244  -19.853 9.499   1.00 0.00 ? 197 UNK B CA 1 
ATOM 590 C CA . UNK B 1 197 ? -2.783  -21.395 9.535   1.00 0.00 ? 198 UNK B CA 1 
ATOM 591 C CA . UNK B 1 198 ? -2.355  -20.782 13.279  1.00 0.00 ? 199 UNK B CA 1 
ATOM 592 C CA . UNK B 1 199 ? -5.892  -22.087 14.048  1.00 0.00 ? 200 UNK B CA 1 
ATOM 593 C CA . UNK B 1 200 ? -5.392  -25.263 11.962  1.00 0.00 ? 201 UNK B CA 1 
ATOM 594 C CA . UNK B 1 201 ? -2.143  -26.269 13.711  1.00 0.00 ? 202 UNK B CA 1 
ATOM 595 C CA . UNK B 1 202 ? -4.166  -26.445 16.986  1.00 0.00 ? 203 UNK B CA 1 
ATOM 596 C CA . UNK B 1 203 ? -6.246  -29.398 15.636  1.00 0.00 ? 204 UNK B CA 1 
ATOM 597 C CA . UNK B 1 204 ? -3.239  -31.569 14.684  1.00 0.00 ? 205 UNK B CA 1 
ATOM 598 C CA . UNK B 1 205 ? -2.112  -34.426 16.897  1.00 0.00 ? 206 UNK B CA 1 
ATOM 599 C CA . UNK B 1 206 ? 1.479   -33.375 16.585  1.00 0.00 ? 207 UNK B CA 1 
ATOM 600 C CA . UNK B 1 207 ? 1.059   -29.593 16.615  1.00 0.00 ? 208 UNK B CA 1 
ATOM 601 C CA . UNK B 1 208 ? 4.182   -29.199 18.849  1.00 0.00 ? 209 UNK B CA 1 
ATOM 602 C CA . UNK B 1 209 ? 6.447   -29.627 15.733  1.00 0.00 ? 210 UNK B CA 1 
ATOM 603 C CA . UNK B 1 210 ? 4.186   -27.441 13.555  1.00 0.00 ? 211 UNK B CA 1 
ATOM 604 C CA . UNK B 1 211 ? 4.656   -23.662 13.022  1.00 0.00 ? 212 UNK B CA 1 
ATOM 605 C CA . UNK B 1 212 ? 3.996   -21.010 10.295  1.00 0.00 ? 213 UNK B CA 1 
ATOM 606 C CA . UNK B 1 213 ? 6.114   -19.480 7.485   1.00 0.00 ? 214 UNK B CA 1 
ATOM 607 C CA . UNK B 1 214 ? 4.215   -16.256 6.718   1.00 0.00 ? 215 UNK B CA 1 
ATOM 608 C CA . UNK B 1 215 ? 4.941   -14.277 3.560   1.00 0.00 ? 216 UNK B CA 1 
ATOM 609 C CA . UNK B 1 216 ? 4.793   -10.441 3.363   1.00 0.00 ? 217 UNK B CA 1 
ATOM 610 C CA . UNK B 1 217 ? 2.917   -10.325 0.030   1.00 0.00 ? 218 UNK B CA 1 
ATOM 611 C CA . UNK B 1 218 ? 0.368   -12.996 0.832   1.00 0.00 ? 219 UNK B CA 1 
ATOM 612 C CA . UNK B 1 219 ? -1.011  -11.244 3.926   1.00 0.00 ? 220 UNK B CA 1 
ATOM 613 C CA . UNK B 1 220 ? -1.126  -7.979  1.885   1.00 0.00 ? 221 UNK B CA 1 
ATOM 614 C CA . UNK B 1 221 ? -3.034  -9.847  -0.939  1.00 0.00 ? 222 UNK B CA 1 
ATOM 615 C CA . UNK B 1 222 ? -6.020  -9.851  1.520   1.00 0.00 ? 223 UNK B CA 1 
ATOM 616 C CA . UNK B 1 223 ? -5.438  -6.242  2.724   1.00 0.00 ? 224 UNK B CA 1 
ATOM 617 C CA . UNK B 1 224 ? -4.037  -7.331  6.086   1.00 0.00 ? 225 UNK B CA 1 
ATOM 618 C CA . UNK B 1 225 ? -1.332  -5.741  8.268   1.00 0.00 ? 226 UNK B CA 1 
ATOM 619 C CA . UNK B 1 226 ? 1.725   -7.983  7.972   1.00 0.00 ? 227 UNK B CA 1 
ATOM 620 C CA . UNK B 1 227 ? 3.267   -6.715  11.280  1.00 0.00 ? 228 UNK B CA 1 
ATOM 621 C CA . UNK B 1 228 ? 0.080   -7.483  13.209  1.00 0.00 ? 229 UNK B CA 1 
ATOM 622 C CA . UNK B 1 229 ? -0.041  -10.891 11.346  1.00 0.00 ? 230 UNK B CA 1 
ATOM 623 C CA . UNK B 1 230 ? 3.545   -11.883 12.302  1.00 0.00 ? 231 UNK B CA 1 
ATOM 624 C CA . UNK B 1 231 ? 3.049   -10.275 15.790  1.00 0.00 ? 232 UNK B CA 1 
ATOM 625 C CA . UNK B 1 232 ? 0.220   -12.783 16.469  1.00 0.00 ? 233 UNK B CA 1 
ATOM 626 C CA . UNK B 1 233 ? 2.317   -15.718 15.122  1.00 0.00 ? 234 UNK B CA 1 
ATOM 627 C CA . UNK B 1 234 ? 5.113   -14.683 17.527  1.00 0.00 ? 235 UNK B CA 1 
ATOM 628 C CA . UNK B 1 235 ? 2.707   -14.196 20.542  1.00 0.00 ? 236 UNK B CA 1 
ATOM 629 C CA . UNK B 1 236 ? 1.674   -17.874 20.139  1.00 0.00 ? 237 UNK B CA 1 
ATOM 630 C CA . UNK B 1 237 ? 5.320   -18.895 19.525  1.00 0.00 ? 238 UNK B CA 1 
ATOM 631 C CA . UNK B 1 238 ? 4.654   -20.194 16.113  1.00 0.00 ? 239 UNK B CA 1 
ATOM 632 C CA . UNK B 1 239 ? 6.911   -17.867 13.998  1.00 0.00 ? 240 UNK B CA 1 
ATOM 633 C CA . UNK B 1 240 ? 9.293   -20.631 12.877  1.00 0.00 ? 241 UNK B CA 1 
ATOM 634 C CA . UNK B 1 241 ? 10.326  -18.927 9.655   1.00 0.00 ? 242 UNK B CA 1 
ATOM 635 C CA . UNK B 1 242 ? 9.450   -15.975 7.369   1.00 0.00 ? 243 UNK B CA 1 
ATOM 636 C CA . UNK B 1 243 ? 9.379   -15.022 3.703   1.00 0.00 ? 244 UNK B CA 1 
ATOM 637 C CA . UNK B 1 244 ? 10.176  -11.324 3.137   1.00 0.00 ? 245 UNK B CA 1 
ATOM 638 C CA . UNK B 1 245 ? 9.162   -9.496  -0.082  1.00 0.00 ? 246 UNK B CA 1 
ATOM 639 C CA . UNK B 1 246 ? 7.206   -6.562  -1.507  1.00 0.00 ? 247 UNK B CA 1 
ATOM 640 C CA . UNK B 1 247 ? 3.689   -6.219  -2.731  1.00 0.00 ? 248 UNK B CA 1 
ATOM 641 C CA . UNK B 1 248 ? 2.206   -3.002  -4.057  1.00 0.00 ? 249 UNK B CA 1 
ATOM 642 C CA . UNK B 1 249 ? -1.443  -3.779  -3.300  1.00 0.00 ? 250 UNK B CA 1 
ATOM 643 C CA . UNK B 1 250 ? -4.222  -6.305  -3.761  1.00 0.00 ? 251 UNK B CA 1 
ATOM 644 C CA . UNK B 1 251 ? -3.547  -8.087  -7.050  1.00 0.00 ? 252 UNK B CA 1 
ATOM 645 C CA . UNK B 1 252 ? -1.430  -10.913 -8.301  1.00 0.00 ? 253 UNK B CA 1 
ATOM 646 C CA . UNK B 1 253 ? 1.559   -11.861 -6.143  1.00 0.00 ? 254 UNK B CA 1 
ATOM 647 C CA . UNK B 1 254 ? 4.287   -9.552  -7.460  1.00 0.00 ? 255 UNK B CA 1 
ATOM 648 C CA . UNK B 1 255 ? 7.220   -10.896 -5.480  1.00 0.00 ? 256 UNK B CA 1 
ATOM 649 C CA . UNK B 1 256 ? 9.291   -7.669  -5.545  1.00 0.00 ? 257 UNK B CA 1 
ATOM 650 C CA . UNK B 1 257 ? 12.435  -7.042  -3.480  1.00 0.00 ? 258 UNK B CA 1 
ATOM 651 C CA . UNK B 1 258 ? 11.750  -6.451  0.232   1.00 0.00 ? 259 UNK B CA 1 
ATOM 652 C CA . UNK B 1 259 ? 11.153  -2.666  0.654   1.00 0.00 ? 260 UNK B CA 1 
ATOM 653 C CA . UNK B 1 260 ? 9.780   -2.169  -2.884  1.00 0.00 ? 261 UNK B CA 1 
ATOM 654 C CA . UNK B 1 261 ? 6.077   -2.670  -1.886  1.00 0.00 ? 262 UNK B CA 1 
ATOM 655 C CA . UNK B 1 262 ? 4.736   -1.120  1.369   1.00 0.00 ? 263 UNK B CA 1 
ATOM 656 C CA . UNK B 1 263 ? 7.778   0.767   2.608   1.00 0.00 ? 264 UNK B CA 1 
ATOM 657 C CA . UNK B 1 264 ? 6.218   1.989   5.873   1.00 0.00 ? 265 UNK B CA 1 
ATOM 658 C CA . UNK B 1 265 ? 4.971   -1.556  6.723   1.00 0.00 ? 266 UNK B CA 1 
ATOM 659 C CA . UNK B 1 266 ? 8.481   -3.060  5.974   1.00 0.00 ? 267 UNK B CA 1 
ATOM 660 C CA . UNK B 1 267 ? 9.942   -0.349  8.314   1.00 0.00 ? 268 UNK B CA 1 
ATOM 661 C CA . UNK B 1 268 ? 7.794   -1.730  11.223  1.00 0.00 ? 269 UNK B CA 1 
ATOM 662 C CA . UNK B 1 269 ? 8.327   -5.335  10.051  1.00 0.00 ? 270 UNK B CA 1 
ATOM 663 C CA . UNK B 1 270 ? 12.060  -4.866  10.606  1.00 0.00 ? 271 UNK B CA 1 
ATOM 664 C CA . UNK B 1 271 ? 11.311  -3.147  13.977  1.00 0.00 ? 272 UNK B CA 1 
ATOM 665 C CA . UNK B 1 272 ? 9.567   -6.319  15.289  1.00 0.00 ? 273 UNK B CA 1 
ATOM 666 C CA . UNK B 1 273 ? 12.146  -8.827  13.944  1.00 0.00 ? 274 UNK B CA 1 
ATOM 667 C CA . UNK B 1 274 ? 15.140  -6.848  15.315  1.00 0.00 ? 275 UNK B CA 1 
ATOM 668 C CA . UNK B 1 275 ? 13.642  -5.011  18.298  1.00 0.00 ? 276 UNK B CA 1 
ATOM 669 C CA . UNK B 1 276 ? 10.754  -7.241  19.452  1.00 0.00 ? 277 UNK B CA 1 
ATOM 670 C CA . UNK B 1 277 ? 8.007   -5.657  21.534  1.00 0.00 ? 278 UNK B CA 1 
ATOM 671 C CA . UNK B 1 278 ? 8.141   -2.317  23.431  1.00 0.00 ? 279 UNK B CA 1 
ATOM 672 C CA . UNK B 1 279 ? 7.263   -3.975  26.845  1.00 0.00 ? 280 UNK B CA 1 
ATOM 673 C CA . UNK B 1 280 ? 9.365   -7.131  26.253  1.00 0.00 ? 281 UNK B CA 1 
ATOM 674 C CA . UNK B 1 281 ? 8.321   -10.640 25.273  1.00 0.00 ? 282 UNK B CA 1 
ATOM 675 C CA . UNK B 1 282 ? 9.168   -13.098 22.491  1.00 0.00 ? 283 UNK B CA 1 
ATOM 676 C CA . UNK B 1 283 ? 11.668  -12.396 19.689  1.00 0.00 ? 284 UNK B CA 1 
ATOM 677 C CA . UNK B 1 284 ? 12.195  -14.103 16.276  1.00 0.00 ? 285 UNK B CA 1 
ATOM 678 C CA . UNK B 1 285 ? 15.674  -15.523 16.026  1.00 0.00 ? 286 UNK B CA 1 
ATOM 679 C CA . UNK B 1 286 ? 15.476  -17.522 12.798  1.00 0.00 ? 287 UNK B CA 1 
ATOM 680 C CA . UNK B 1 287 ? 16.790  -16.678 9.355   1.00 0.00 ? 288 UNK B CA 1 
ATOM 681 C CA . UNK B 1 288 ? 15.590  -13.671 7.276   1.00 0.00 ? 289 UNK B CA 1 
ATOM 682 C CA . UNK B 1 289 ? 14.641  -15.528 4.046   1.00 0.00 ? 290 UNK B CA 1 
ATOM 683 C CA . UNK B 1 290 ? 13.817  -13.679 0.833   1.00 0.00 ? 291 UNK B CA 1 
ATOM 684 C CA . UNK B 1 291 ? 11.177  -15.094 -1.504  1.00 0.00 ? 292 UNK B CA 1 
ATOM 685 C CA . UNK B 1 292 ? 10.999  -12.740 -4.436  1.00 0.00 ? 293 UNK B CA 1 
ATOM 686 C CA . UNK B 1 293 ? 11.571  -12.849 -8.173  1.00 0.00 ? 294 UNK B CA 1 
ATOM 687 C CA . UNK B 1 294 ? 13.693  -10.367 -10.163 1.00 0.00 ? 295 UNK B CA 1 
ATOM 688 C CA . UNK B 1 295 ? 11.470  -8.371  -12.579 1.00 0.00 ? 296 UNK B CA 1 
ATOM 689 C CA . UNK B 1 296 ? 11.372  -9.976  -16.056 1.00 0.00 ? 297 UNK B CA 1 
ATOM 690 C CA . UNK B 1 297 ? 12.468  -6.725  -17.884 1.00 0.00 ? 298 UNK B CA 1 
ATOM 691 C CA . UNK B 1 298 ? 16.041  -7.167  -16.464 1.00 0.00 ? 299 UNK B CA 1 
ATOM 692 C CA . UNK B 1 299 ? 18.984  -9.379  -17.488 1.00 0.00 ? 300 UNK B CA 1 
ATOM 693 C CA . UNK B 1 300 ? 21.325  -11.306 -15.129 1.00 0.00 ? 301 UNK B CA 1 
ATOM 694 C CA . UNK B 1 301 ? 22.916  -8.063  -13.872 1.00 0.00 ? 302 UNK B CA 1 
ATOM 695 C CA . UNK B 1 302 ? 19.519  -7.170  -12.281 1.00 0.00 ? 303 UNK B CA 1 
ATOM 696 C CA . UNK B 1 303 ? 19.177  -10.707 -10.799 1.00 0.00 ? 304 UNK B CA 1 
ATOM 697 C CA . UNK B 1 304 ? 22.372  -10.148 -8.653  1.00 0.00 ? 305 UNK B CA 1 
ATOM 698 C CA . UNK B 1 305 ? 21.421  -6.470  -8.088  1.00 0.00 ? 306 UNK B CA 1 
ATOM 699 C CA . UNK B 1 306 ? 17.985  -7.630  -6.783  1.00 0.00 ? 307 UNK B CA 1 
ATOM 700 C CA . UNK B 1 307 ? 19.625  -10.064 -4.379  1.00 0.00 ? 308 UNK B CA 1 
ATOM 701 C CA . UNK B 1 308 ? 22.062  -7.306  -3.323  1.00 0.00 ? 309 UNK B CA 1 
ATOM 702 C CA . UNK B 1 309 ? 19.059  -4.903  -2.840  1.00 0.00 ? 310 UNK B CA 1 
ATOM 703 C CA . UNK B 1 310 ? 16.902  -7.128  -0.523  1.00 0.00 ? 311 UNK B CA 1 
ATOM 704 C CA . UNK B 1 311 ? 19.985  -7.229  1.813   1.00 0.00 ? 312 UNK B CA 1 
ATOM 705 C CA . UNK B 1 312 ? 20.530  -3.438  1.403   1.00 0.00 ? 313 UNK B CA 1 
ATOM 706 C CA . UNK B 1 313 ? 16.897  -2.646  2.257   1.00 0.00 ? 314 UNK B CA 1 
ATOM 707 C CA . UNK B 1 314 ? 16.727  -4.880  5.370   1.00 0.00 ? 315 UNK B CA 1 
ATOM 708 C CA . UNK B 1 315 ? 20.032  -3.348  6.639   1.00 0.00 ? 316 UNK B CA 1 
ATOM 709 C CA . UNK B 1 316 ? 18.899  0.289   5.677   1.00 0.00 ? 317 UNK B CA 1 
ATOM 710 C CA . UNK B 1 317 ? 15.548  -0.469  7.526   1.00 0.00 ? 318 UNK B CA 1 
ATOM 711 C CA . UNK B 1 318 ? 17.417  -2.088  10.419  1.00 0.00 ? 319 UNK B CA 1 
ATOM 712 C CA . UNK B 1 319 ? 19.521  1.076   11.026  1.00 0.00 ? 320 UNK B CA 1 
ATOM 713 C CA . UNK B 1 320 ? 16.677  3.622   11.299  1.00 0.00 ? 321 UNK B CA 1 
ATOM 714 C CA . UNK B 1 321 ? 14.564  1.273   13.542  1.00 0.00 ? 322 UNK B CA 1 
ATOM 715 C CA . UNK B 1 322 ? 17.468  0.874   15.957  1.00 0.00 ? 323 UNK B CA 1 
ATOM 716 C CA . UNK B 1 323 ? 17.794  4.730   15.808  1.00 0.00 ? 324 UNK B CA 1 
ATOM 717 C CA . UNK B 1 324 ? 14.040  5.440   16.255  1.00 0.00 ? 325 UNK B CA 1 
ATOM 718 C CA . UNK B 1 325 ? 13.675  3.339   19.408  1.00 0.00 ? 326 UNK B CA 1 
ATOM 719 C CA . UNK B 1 326 ? 16.678  4.903   21.169  1.00 0.00 ? 327 UNK B CA 1 
ATOM 720 C CA . UNK B 1 327 ? 15.827  8.545   20.428  1.00 0.00 ? 328 UNK B CA 1 
ATOM 721 C CA . UNK B 1 328 ? 14.017  9.524   23.668  1.00 0.00 ? 329 UNK B CA 1 
ATOM 722 C CA . UNK B 1 329 ? 11.501  11.960  21.981  1.00 0.00 ? 330 UNK B CA 1 
ATOM 723 C CA . UNK B 1 330 ? 9.945   8.779   20.385  1.00 0.00 ? 331 UNK B CA 1 
ATOM 724 C CA . UNK B 1 331 ? 10.224  6.833   23.721  1.00 0.00 ? 332 UNK B CA 1 
ATOM 725 C CA . UNK B 1 332 ? 8.777   9.964   25.442  1.00 0.00 ? 333 UNK B CA 1 
ATOM 726 C CA . UNK B 1 333 ? 6.123   9.986   22.698  1.00 0.00 ? 334 UNK B CA 1 
ATOM 727 C CA . UNK B 1 334 ? 5.175   6.319   23.517  1.00 0.00 ? 335 UNK B CA 1 
ATOM 728 C CA . UNK B 1 335 ? 4.487   6.987   27.271  1.00 0.00 ? 336 UNK B CA 1 
ATOM 729 C CA . UNK B 1 336 ? 1.965   9.829   26.417  1.00 0.00 ? 337 UNK B CA 1 
ATOM 730 C CA . UNK B 1 337 ? 0.455   7.468   23.856  1.00 0.00 ? 338 UNK B CA 1 
ATOM 731 C CA . UNK B 1 338 ? 0.365   4.688   26.293  1.00 0.00 ? 339 UNK B CA 1 
ATOM 732 C CA . UNK B 1 339 ? 2.475   1.923   24.640  1.00 0.00 ? 340 UNK B CA 1 
ATOM 733 C CA . UNK B 1 340 ? 4.175   1.255   28.042  1.00 0.00 ? 341 UNK B CA 1 
ATOM 734 C CA . UNK B 1 341 ? 0.832   1.551   29.899  1.00 0.00 ? 342 UNK B CA 1 
ATOM 735 C CA . UNK B 1 342 ? -0.788  -1.188  27.709  1.00 0.00 ? 343 UNK B CA 1 
ATOM 736 C CA . UNK B 1 343 ? 1.764   -3.474  29.370  1.00 0.00 ? 344 UNK B CA 1 
ATOM 737 C CA . UNK B 1 344 ? 0.401   -3.197  32.944  1.00 0.00 ? 345 UNK B CA 1 
ATOM 738 C CA . UNK B 1 345 ? -2.304  -5.832  33.673  1.00 0.00 ? 346 UNK B CA 1 
ATOM 739 C CA . UNK B 1 346 ? -5.943  -4.537  33.472  1.00 0.00 ? 347 UNK B CA 1 
ATOM 740 C CA . UNK B 1 347 ? -6.697  -6.205  36.841  1.00 0.00 ? 348 UNK B CA 1 
ATOM 741 C CA . UNK B 1 348 ? -4.869  -5.387  40.115  1.00 0.00 ? 349 UNK B CA 1 
ATOM 742 C CA . UNK B 1 349 ? -2.878  -8.272  41.535  1.00 0.00 ? 350 UNK B CA 1 
ATOM 743 C CA . UNK B 1 350 ? -5.307  -10.775 43.035  1.00 0.00 ? 351 UNK B CA 1 
ATOM 744 C CA . UNK B 1 351 ? -8.364  -8.730  42.026  1.00 0.00 ? 352 UNK B CA 1 
ATOM 745 C CA . UNK B 1 352 ? -11.273 -10.973 41.124  1.00 0.00 ? 353 UNK B CA 1 
ATOM 746 C CA . UNK B 1 353 ? -13.887 -10.314 38.423  1.00 0.00 ? 354 UNK B CA 1 
ATOM 747 C CA . UNK B 1 354 ? -16.364 -9.918  41.368  1.00 0.00 ? 355 UNK B CA 1 
ATOM 748 C CA . UNK B 1 355 ? -13.954 -7.358  42.931  1.00 0.00 ? 356 UNK B CA 1 
ATOM 749 C CA . UNK B 1 356 ? -13.908 -4.857  39.942  1.00 0.00 ? 357 UNK B CA 1 
ATOM 750 C CA . UNK B 1 357 ? -17.684 -4.809  39.209  1.00 0.00 ? 358 UNK B CA 1 
ATOM 751 C CA . UNK B 1 358 ? -18.132 -3.810  42.794  1.00 0.00 ? 359 UNK B CA 1 
ATOM 752 C CA . UNK B 1 359 ? -15.259 -1.310  42.527  1.00 0.00 ? 360 UNK B CA 1 
ATOM 753 C CA . UNK B 1 360 ? -17.396 1.811   42.194  1.00 0.00 ? 361 UNK B CA 1 
ATOM 754 C CA . UNK B 1 361 ? -14.483 3.974   40.760  1.00 0.00 ? 362 UNK B CA 1 
ATOM 755 C CA . UNK B 1 362 ? -14.036 1.738   37.625  1.00 0.00 ? 363 UNK B CA 1 
ATOM 756 C CA . UNK B 1 363 ? -17.812 1.746   36.850  1.00 0.00 ? 364 UNK B CA 1 
ATOM 757 C CA . UNK B 1 364 ? -20.454 3.499   39.045  1.00 0.00 ? 365 UNK B CA 1 
ATOM 758 C CA . UNK B 1 365 ? -18.297 6.569   39.869  1.00 0.00 ? 366 UNK B CA 1 
ATOM 759 C CA . UNK B 1 366 ? -16.270 6.592   36.603  1.00 0.00 ? 367 UNK B CA 1 
ATOM 760 C CA . UNK B 1 367 ? -15.860 9.928   34.779  1.00 0.00 ? 368 UNK B CA 1 
ATOM 761 C CA . UNK B 1 368 ? -16.044 8.617   31.192  1.00 0.00 ? 369 UNK B CA 1 
ATOM 762 C CA . UNK B 1 369 ? -16.476 12.068  29.717  1.00 0.00 ? 370 UNK B CA 1 
ATOM 763 C CA . UNK B 1 370 ? -13.163 13.137  31.240  1.00 0.00 ? 371 UNK B CA 1 
ATOM 764 C CA . UNK B 1 371 ? -11.234 9.875   30.445  1.00 0.00 ? 372 UNK B CA 1 
ATOM 765 C CA . UNK B 1 372 ? -12.299 10.560  26.846  1.00 0.00 ? 373 UNK B CA 1 
ATOM 766 C CA . UNK B 1 373 ? -10.616 13.943  26.768  1.00 0.00 ? 374 UNK B CA 1 
ATOM 767 C CA . UNK B 1 374 ? -7.220  12.199  26.706  1.00 0.00 ? 375 UNK B CA 1 
ATOM 768 C CA . UNK B 1 375 ? -4.936  13.161  23.876  1.00 0.00 ? 376 UNK B CA 1 
ATOM 769 C CA . UNK B 1 376 ? -3.420  9.720   22.735  1.00 0.00 ? 377 UNK B CA 1 
ATOM 770 C CA . UNK B 1 377 ? -1.100  11.636  20.453  1.00 0.00 ? 378 UNK B CA 1 
ATOM 771 C CA . UNK B 1 378 ? -0.787  8.708   17.935  1.00 0.00 ? 379 UNK B CA 1 
ATOM 772 C CA . UNK B 1 379 ? -0.553  11.026  14.883  1.00 0.00 ? 380 UNK B CA 1 
ATOM 773 C CA . UNK B 1 380 ? 2.562   12.876  16.241  1.00 0.00 ? 381 UNK B CA 1 
ATOM 774 C CA . UNK B 1 381 ? 4.230   9.420   16.938  1.00 0.00 ? 382 UNK B CA 1 
ATOM 775 C CA . UNK B 1 382 ? 3.566   8.073   13.419  1.00 0.00 ? 383 UNK B CA 1 
ATOM 776 C CA . UNK B 1 383 ? 5.602   11.183  12.213  1.00 0.00 ? 384 UNK B CA 1 
ATOM 777 C CA . UNK B 1 384 ? 8.630   10.342  14.533  1.00 0.00 ? 385 UNK B CA 1 
ATOM 778 C CA . UNK B 1 385 ? 8.838   7.038   12.614  1.00 0.00 ? 386 UNK B CA 1 
ATOM 779 C CA . UNK B 1 386 ? 8.355   8.408   9.071   1.00 0.00 ? 387 UNK B CA 1 
ATOM 780 C CA . UNK B 1 387 ? 11.119  11.058  9.485   1.00 0.00 ? 388 UNK B CA 1 
ATOM 781 C CA . UNK B 1 388 ? 13.416  8.538   11.200  1.00 0.00 ? 389 UNK B CA 1 
ATOM 782 C CA . UNK B 1 389 ? 12.747  6.263   8.188   1.00 0.00 ? 390 UNK B CA 1 
ATOM 783 C CA . UNK B 1 390 ? 13.657  9.314   6.093   1.00 0.00 ? 391 UNK B CA 1 
ATOM 784 C CA . UNK B 1 391 ? 17.029  9.784   7.842   1.00 0.00 ? 392 UNK B CA 1 
ATOM 785 C CA . UNK B 1 392 ? 15.841  13.271  8.946   1.00 0.00 ? 393 UNK B CA 1 
ATOM 786 C CA . UNK B 1 393 ? 15.924  13.101  12.756  1.00 0.00 ? 394 UNK B CA 1 
# 
